data_6OS3
#
_entry.id   6OS3
#
_cell.length_a   157.690
_cell.length_b   157.690
_cell.length_c   56.300
_cell.angle_alpha   90.000
_cell.angle_beta   90.000
_cell.angle_gamma   90.000
#
_symmetry.space_group_name_H-M   'I 4'
#
loop_
_entity.id
_entity.type
_entity.pdbx_description
1 polymer 'CymD prenyltransferase'
2 non-polymer 2-[3-(2-HYDROXY-1,1-DIHYDROXYMETHYL-ETHYLAMINO)-PROPYLAMINO]-2-HYDROXYMETHYL-PROPANE-1,3-DIOL
3 non-polymer 2-AMINO-2-HYDROXYMETHYL-PROPANE-1,3-DIOL
4 water water
#
_entity_poly.entity_id   1
_entity_poly.type   'polypeptide(L)'
_entity_poly.pdbx_seq_one_letter_code
;SNATEELTTVRDACARTLENTARTLHLGASGTEFVAAFRAMTDHWGAARPHDLPLSDVSPDGSPVEYAVDLGGLAPALQF
AMEPLTAGVPARDPLAARAIMPLLAGRYGADATRWSALADRLLPDDAHGPHVSMYGAEVRAGAPIRFKAWFYLNVTGPDG
AFNLLYSALERMGTTHLWPVVQAHVHRAGEDVPFLLSLDLSDDPAARVKVYFRHFAADVEEVAAVLKAYPGFEPGEVRAF
CKVMMGGRRRFSDQPAVTCVSLLDAQTFDRTAATLYVPLWTYAEHDGEVRQRVHRTLAAWPEALYRYDSVLAGIAHRGLD
AGTGIHNYISWQPGRTRPRMKVYLSPEMHDVTPPPLGVSQQHHLSGQTTARGRTE
;
_entity_poly.pdbx_strand_id   A,B
#
loop_
_chem_comp.id
_chem_comp.type
_chem_comp.name
_chem_comp.formula
B3P non-polymer 2-[3-(2-HYDROXY-1,1-DIHYDROXYMETHYL-ETHYLAMINO)-PROPYLAMINO]-2-HYDROXYMETHYL-PROPANE-1,3-DIOL 'C11 H26 N2 O6'
TRS non-polymer 2-AMINO-2-HYDROXYMETHYL-PROPANE-1,3-DIOL 'C4 H12 N O3 1'
#
# COMPACT_ATOMS: atom_id res chain seq x y z
N LEU A 7 19.36 29.79 -27.72
CA LEU A 7 19.19 28.76 -28.74
C LEU A 7 19.05 27.37 -28.13
N THR A 8 19.04 27.30 -26.81
CA THR A 8 18.92 26.01 -26.13
C THR A 8 17.52 25.42 -26.33
N THR A 9 17.47 24.12 -26.64
CA THR A 9 16.19 23.43 -26.79
C THR A 9 15.54 23.18 -25.44
N VAL A 10 14.22 22.98 -25.45
CA VAL A 10 13.51 22.65 -24.21
C VAL A 10 14.08 21.38 -23.60
N ARG A 11 14.29 20.35 -24.41
CA ARG A 11 14.72 19.08 -23.85
C ARG A 11 16.11 19.18 -23.21
N ASP A 12 17.00 20.01 -23.77
CA ASP A 12 18.31 20.17 -23.13
C ASP A 12 18.22 21.09 -21.92
N ALA A 13 17.43 22.16 -22.00
CA ALA A 13 17.35 23.07 -20.86
C ALA A 13 16.82 22.37 -19.62
N CYS A 14 15.77 21.56 -19.80
CA CYS A 14 15.18 20.86 -18.66
C CYS A 14 16.11 19.79 -18.14
N ALA A 15 16.79 19.08 -19.05
CA ALA A 15 17.74 18.06 -18.61
C ALA A 15 18.86 18.67 -17.79
N ARG A 16 19.33 19.86 -18.19
CA ARG A 16 20.38 20.52 -17.41
C ARG A 16 19.87 20.97 -16.05
N THR A 17 18.67 21.57 -16.01
CA THR A 17 18.11 21.96 -14.71
C THR A 17 17.94 20.74 -13.81
N LEU A 18 17.46 19.63 -14.36
CA LEU A 18 17.26 18.43 -13.54
C LEU A 18 18.59 17.91 -13.03
N GLU A 19 19.62 17.94 -13.89
CA GLU A 19 20.95 17.48 -13.51
C GLU A 19 21.52 18.33 -12.38
N ASN A 20 21.44 19.66 -12.51
CA ASN A 20 21.91 20.55 -11.46
C ASN A 20 21.18 20.30 -10.15
N THR A 21 19.86 20.13 -10.20
CA THR A 21 19.10 19.88 -8.99
C THR A 21 19.50 18.55 -8.36
N ALA A 22 19.65 17.51 -9.17
CA ALA A 22 20.14 16.24 -8.66
C ALA A 22 21.47 16.39 -7.96
N ARG A 23 22.39 17.18 -8.55
CA ARG A 23 23.70 17.39 -7.92
C ARG A 23 23.56 18.15 -6.61
N THR A 24 22.64 19.10 -6.55
CA THR A 24 22.40 19.86 -5.33
C THR A 24 21.90 18.97 -4.21
N LEU A 25 21.10 17.96 -4.55
CA LEU A 25 20.57 17.00 -3.59
C LEU A 25 21.49 15.81 -3.37
N HIS A 26 22.67 15.80 -3.97
CA HIS A 26 23.66 14.74 -3.79
C HIS A 26 23.08 13.36 -4.11
N LEU A 27 22.34 13.29 -5.21
CA LEU A 27 21.71 12.04 -5.61
C LEU A 27 22.70 11.04 -6.22
N GLY A 28 23.91 11.48 -6.56
CA GLY A 28 24.93 10.55 -7.02
C GLY A 28 24.52 9.80 -8.27
N ALA A 29 24.84 8.51 -8.31
CA ALA A 29 24.55 7.71 -9.50
C ALA A 29 23.06 7.62 -9.77
N SER A 30 22.25 7.52 -8.71
CA SER A 30 20.80 7.54 -8.89
C SER A 30 20.36 8.80 -9.62
N GLY A 31 21.00 9.94 -9.33
CA GLY A 31 20.64 11.17 -10.02
C GLY A 31 21.00 11.12 -11.49
N THR A 32 22.17 10.57 -11.82
CA THR A 32 22.59 10.46 -13.21
C THR A 32 21.64 9.59 -14.01
N GLU A 33 21.24 8.45 -13.44
CA GLU A 33 20.30 7.57 -14.14
C GLU A 33 18.94 8.24 -14.28
N PHE A 34 18.56 9.05 -13.29
CA PHE A 34 17.30 9.78 -13.32
C PHE A 34 17.27 10.79 -14.46
N VAL A 35 18.37 11.52 -14.62
CA VAL A 35 18.47 12.46 -15.74
C VAL A 35 18.37 11.72 -17.06
N ALA A 36 18.97 10.53 -17.15
CA ALA A 36 18.87 9.76 -18.40
C ALA A 36 17.44 9.32 -18.67
N ALA A 37 16.69 8.98 -17.62
CA ALA A 37 15.29 8.62 -17.81
C ALA A 37 14.47 9.82 -18.24
N PHE A 38 14.75 10.99 -17.66
CA PHE A 38 14.08 12.19 -18.12
C PHE A 38 14.34 12.41 -19.60
N ARG A 39 15.60 12.24 -20.03
CA ARG A 39 15.89 12.40 -21.44
C ARG A 39 15.12 11.38 -22.29
N ALA A 40 15.08 10.12 -21.85
CA ALA A 40 14.31 9.12 -22.59
C ALA A 40 12.87 9.57 -22.81
N MET A 41 12.26 10.20 -21.80
CA MET A 41 10.86 10.58 -21.85
C MET A 41 10.60 11.86 -22.63
N THR A 42 11.63 12.69 -22.81
CA THR A 42 11.47 13.99 -23.44
C THR A 42 12.26 14.10 -24.74
N ASP A 43 12.98 13.03 -25.14
CA ASP A 43 13.65 13.04 -26.44
C ASP A 43 12.68 13.51 -27.53
N HIS A 44 11.42 13.06 -27.45
CA HIS A 44 10.45 13.29 -28.53
C HIS A 44 10.05 14.74 -28.66
N TRP A 45 10.40 15.60 -27.71
CA TRP A 45 10.19 17.03 -27.87
C TRP A 45 11.02 17.62 -29.01
N GLY A 46 12.00 16.86 -29.53
CA GLY A 46 12.77 17.27 -30.67
C GLY A 46 13.60 18.50 -30.36
N ALA A 47 13.92 19.26 -31.42
CA ALA A 47 14.75 20.44 -31.27
C ALA A 47 13.91 21.68 -30.95
N ALA A 48 12.69 21.49 -30.47
CA ALA A 48 11.83 22.60 -30.13
C ALA A 48 12.45 23.51 -29.08
N ARG A 49 12.35 24.81 -29.32
CA ARG A 49 12.52 25.83 -28.31
CA ARG A 49 12.52 25.83 -28.31
C ARG A 49 11.21 26.06 -27.58
N PRO A 50 11.22 26.76 -26.45
CA PRO A 50 9.96 26.96 -25.72
C PRO A 50 8.81 27.44 -26.60
N HIS A 51 9.04 28.44 -27.45
CA HIS A 51 7.96 28.97 -28.27
C HIS A 51 7.47 27.99 -29.33
N ASP A 52 8.18 26.89 -29.58
CA ASP A 52 7.74 25.91 -30.57
C ASP A 52 6.74 24.90 -30.03
N LEU A 53 6.69 24.69 -28.68
CA LEU A 53 5.83 23.66 -28.10
C LEU A 53 4.45 24.23 -27.76
N PRO A 54 3.43 23.38 -27.77
CA PRO A 54 2.13 23.82 -27.25
C PRO A 54 2.29 24.18 -25.78
N LEU A 55 1.43 25.08 -25.31
CA LEU A 55 1.38 25.32 -23.88
C LEU A 55 0.92 24.05 -23.17
N SER A 56 1.56 23.77 -22.03
CA SER A 56 1.34 22.55 -21.28
C SER A 56 0.47 22.80 -20.05
N ASP A 57 -0.22 21.74 -19.62
CA ASP A 57 -0.99 21.72 -18.39
C ASP A 57 -0.16 21.33 -17.17
N VAL A 58 1.12 21.03 -17.36
CA VAL A 58 1.96 20.55 -16.27
C VAL A 58 2.15 21.65 -15.24
N SER A 59 2.29 22.89 -15.69
CA SER A 59 2.49 24.03 -14.82
C SER A 59 1.50 25.12 -15.22
N PRO A 60 1.02 25.91 -14.25
CA PRO A 60 0.00 26.92 -14.58
C PRO A 60 0.49 27.97 -15.58
N ASP A 61 1.79 28.19 -15.65
CA ASP A 61 2.35 29.13 -16.62
C ASP A 61 2.62 28.48 -17.96
N GLY A 62 2.15 27.24 -18.17
CA GLY A 62 2.32 26.56 -19.43
C GLY A 62 3.61 25.79 -19.62
N SER A 63 4.54 25.84 -18.67
CA SER A 63 5.77 25.08 -18.82
C SER A 63 5.44 23.59 -18.92
N PRO A 64 6.14 22.84 -19.78
CA PRO A 64 5.86 21.40 -19.96
C PRO A 64 6.56 20.49 -18.96
N VAL A 65 7.17 21.05 -17.93
CA VAL A 65 7.81 20.28 -16.86
C VAL A 65 7.56 20.99 -15.55
N GLU A 66 7.46 20.19 -14.49
CA GLU A 66 7.39 20.72 -13.13
C GLU A 66 8.32 19.87 -12.28
N TYR A 67 9.11 20.53 -11.43
CA TYR A 67 10.05 19.83 -10.56
C TYR A 67 9.48 19.82 -9.15
N ALA A 68 9.69 18.72 -8.42
CA ALA A 68 9.22 18.64 -7.05
C ALA A 68 10.28 18.00 -6.18
N VAL A 69 10.46 18.52 -4.99
CA VAL A 69 11.44 17.99 -4.05
C VAL A 69 10.81 17.83 -2.67
N ASP A 70 11.18 16.75 -1.98
CA ASP A 70 10.90 16.63 -0.56
C ASP A 70 11.48 17.80 0.22
N LEU A 71 10.67 18.38 1.12
CA LEU A 71 11.19 19.47 1.96
C LEU A 71 11.96 18.93 3.16
N GLY A 72 11.58 17.77 3.67
CA GLY A 72 12.15 17.24 4.89
C GLY A 72 12.83 15.89 4.72
N GLY A 73 13.37 15.42 5.83
CA GLY A 73 13.95 14.09 5.89
C GLY A 73 15.30 13.98 5.24
N LEU A 74 16.16 13.09 5.76
CA LEU A 74 17.33 12.70 5.02
C LEU A 74 16.90 11.92 3.79
N ALA A 75 17.75 11.88 2.78
CA ALA A 75 17.39 11.16 1.57
C ALA A 75 16.17 11.79 0.90
N PRO A 76 16.26 13.04 0.49
CA PRO A 76 15.12 13.65 -0.21
C PRO A 76 14.85 12.94 -1.53
N ALA A 77 13.58 12.96 -1.92
CA ALA A 77 13.19 12.53 -3.26
C ALA A 77 13.17 13.73 -4.20
N LEU A 78 13.53 13.47 -5.45
CA LEU A 78 13.39 14.42 -6.55
C LEU A 78 12.43 13.83 -7.55
N GLN A 79 11.51 14.66 -8.07
CA GLN A 79 10.53 14.19 -9.02
C GLN A 79 10.36 15.21 -10.14
N PHE A 80 9.89 14.73 -11.28
CA PHE A 80 9.43 15.62 -12.33
C PHE A 80 8.13 15.07 -12.87
N ALA A 81 7.34 15.98 -13.44
CA ALA A 81 6.21 15.66 -14.29
C ALA A 81 6.42 16.40 -15.60
N MET A 82 5.96 15.79 -16.69
CA MET A 82 6.09 16.38 -18.01
C MET A 82 4.85 16.01 -18.82
N GLU A 83 4.69 16.67 -19.96
CA GLU A 83 3.61 16.37 -20.89
C GLU A 83 4.17 15.90 -22.22
N PRO A 84 3.72 14.75 -22.74
CA PRO A 84 4.08 14.36 -24.11
C PRO A 84 3.52 15.37 -25.12
N LEU A 85 4.41 15.95 -25.93
CA LEU A 85 4.06 17.06 -26.80
C LEU A 85 4.90 17.02 -28.07
N THR A 86 4.35 17.57 -29.14
CA THR A 86 5.05 17.71 -30.42
C THR A 86 4.77 19.09 -30.97
N ALA A 87 5.82 19.79 -31.40
CA ALA A 87 5.63 21.11 -32.02
C ALA A 87 4.65 21.02 -33.20
N GLY A 88 3.71 21.94 -33.23
CA GLY A 88 2.74 21.99 -34.32
C GLY A 88 1.57 21.04 -34.19
N VAL A 89 1.45 20.33 -33.07
CA VAL A 89 0.39 19.36 -32.85
C VAL A 89 -0.33 19.77 -31.57
N PRO A 90 -1.66 19.78 -31.55
CA PRO A 90 -2.38 20.15 -30.31
C PRO A 90 -2.05 19.17 -29.19
N ALA A 91 -2.02 19.69 -27.96
CA ALA A 91 -1.65 18.85 -26.81
C ALA A 91 -2.60 17.67 -26.65
N ARG A 92 -3.86 17.83 -27.07
CA ARG A 92 -4.83 16.76 -26.88
C ARG A 92 -4.62 15.59 -27.86
N ASP A 93 -3.77 15.76 -28.86
CA ASP A 93 -3.45 14.63 -29.73
C ASP A 93 -2.79 13.52 -28.89
N PRO A 94 -3.21 12.26 -29.03
CA PRO A 94 -2.74 11.20 -28.12
C PRO A 94 -1.49 10.46 -28.58
N LEU A 95 -0.96 10.76 -29.76
CA LEU A 95 0.14 9.98 -30.33
C LEU A 95 1.35 9.98 -29.40
N ALA A 96 1.75 11.17 -28.89
CA ALA A 96 2.96 11.23 -28.08
C ALA A 96 2.79 10.46 -26.78
N ALA A 97 1.63 10.58 -26.15
CA ALA A 97 1.38 9.85 -24.91
C ALA A 97 1.37 8.34 -25.13
N ARG A 98 0.82 7.90 -26.26
CA ARG A 98 0.78 6.46 -26.55
C ARG A 98 2.18 5.89 -26.73
N ALA A 99 3.15 6.72 -27.12
CA ALA A 99 4.50 6.20 -27.30
C ALA A 99 5.28 6.10 -25.99
N ILE A 100 4.87 6.84 -24.95
CA ILE A 100 5.68 6.83 -23.73
C ILE A 100 5.61 5.47 -23.04
N MET A 101 4.42 4.87 -22.95
CA MET A 101 4.31 3.63 -22.19
C MET A 101 5.16 2.51 -22.76
N PRO A 102 5.10 2.17 -24.06
CA PRO A 102 6.00 1.10 -24.55
C PRO A 102 7.46 1.43 -24.36
N LEU A 103 7.82 2.71 -24.40
CA LEU A 103 9.20 3.11 -24.11
C LEU A 103 9.60 2.75 -22.69
N LEU A 104 8.76 3.14 -21.71
CA LEU A 104 9.09 2.86 -20.31
C LEU A 104 9.04 1.36 -20.02
N ALA A 105 8.07 0.66 -20.61
CA ALA A 105 7.98 -0.78 -20.41
C ALA A 105 9.22 -1.47 -20.97
N GLY A 106 9.67 -1.05 -22.14
CA GLY A 106 10.75 -1.73 -22.82
C GLY A 106 12.13 -1.42 -22.28
N ARG A 107 12.33 -0.16 -21.91
CA ARG A 107 13.65 0.30 -21.47
C ARG A 107 13.85 0.24 -19.96
N TYR A 108 12.78 0.38 -19.18
CA TYR A 108 12.90 0.43 -17.73
C TYR A 108 12.09 -0.63 -16.99
N GLY A 109 11.44 -1.55 -17.71
CA GLY A 109 10.67 -2.58 -17.03
C GLY A 109 9.43 -2.07 -16.33
N ALA A 110 8.96 -0.88 -16.69
CA ALA A 110 7.71 -0.35 -16.14
C ALA A 110 6.56 -1.28 -16.50
N ASP A 111 5.58 -1.36 -15.61
CA ASP A 111 4.40 -2.19 -15.85
C ASP A 111 3.38 -1.42 -16.66
N ALA A 112 2.95 -2.03 -17.76
CA ALA A 112 1.98 -1.43 -18.68
C ALA A 112 0.60 -2.03 -18.57
N THR A 113 0.40 -3.03 -17.72
CA THR A 113 -0.87 -3.76 -17.74
C THR A 113 -2.04 -2.86 -17.35
N ARG A 114 -1.91 -2.09 -16.28
CA ARG A 114 -3.01 -1.19 -15.91
C ARG A 114 -3.11 -0.02 -16.87
N TRP A 115 -1.99 0.54 -17.31
CA TRP A 115 -2.00 1.56 -18.36
C TRP A 115 -2.80 1.08 -19.57
N SER A 116 -2.50 -0.12 -20.06
CA SER A 116 -3.17 -0.62 -21.26
C SER A 116 -4.65 -0.86 -21.03
N ALA A 117 -5.05 -1.22 -19.80
CA ALA A 117 -6.46 -1.41 -19.52
C ALA A 117 -7.23 -0.10 -19.59
N LEU A 118 -6.58 1.03 -19.33
CA LEU A 118 -7.23 2.34 -19.30
C LEU A 118 -7.09 3.15 -20.59
N ALA A 119 -6.03 2.93 -21.37
CA ALA A 119 -5.66 3.89 -22.40
C ALA A 119 -6.68 3.98 -23.51
N ASP A 120 -7.35 2.87 -23.85
CA ASP A 120 -8.30 2.95 -24.96
C ASP A 120 -9.38 3.99 -24.68
N ARG A 121 -9.86 4.06 -23.44
CA ARG A 121 -10.92 5.02 -23.11
C ARG A 121 -10.39 6.36 -22.60
N LEU A 122 -9.32 6.36 -21.80
CA LEU A 122 -8.81 7.61 -21.23
C LEU A 122 -7.81 8.32 -22.13
N LEU A 123 -7.29 7.64 -23.16
CA LEU A 123 -6.43 8.26 -24.16
C LEU A 123 -7.06 8.09 -25.54
N PRO A 124 -8.22 8.70 -25.78
CA PRO A 124 -8.93 8.47 -27.04
C PRO A 124 -8.40 9.38 -28.15
N ASP A 125 -8.82 9.07 -29.38
CA ASP A 125 -8.38 9.86 -30.52
C ASP A 125 -9.01 11.24 -30.57
N ASP A 126 -10.15 11.46 -29.91
CA ASP A 126 -10.86 12.74 -30.02
C ASP A 126 -11.25 13.23 -28.63
N ALA A 127 -10.25 13.51 -27.80
CA ALA A 127 -10.51 13.92 -26.43
C ALA A 127 -11.29 15.23 -26.40
N HIS A 128 -12.15 15.37 -25.41
CA HIS A 128 -12.98 16.55 -25.29
C HIS A 128 -12.22 17.74 -24.71
N GLY A 129 -11.28 17.48 -23.79
CA GLY A 129 -10.56 18.54 -23.12
C GLY A 129 -9.26 18.89 -23.82
N PRO A 130 -8.57 19.92 -23.33
CA PRO A 130 -7.36 20.39 -24.03
C PRO A 130 -6.12 19.54 -23.79
N HIS A 131 -6.12 18.68 -22.78
CA HIS A 131 -4.93 17.87 -22.47
C HIS A 131 -5.36 16.45 -22.16
N VAL A 132 -4.48 15.49 -22.46
CA VAL A 132 -4.86 14.09 -22.31
C VAL A 132 -3.84 13.25 -21.54
N SER A 133 -2.67 13.81 -21.22
CA SER A 133 -1.69 12.94 -20.60
C SER A 133 -0.57 13.73 -19.95
N MET A 134 -0.13 13.29 -18.78
CA MET A 134 1.17 13.64 -18.23
C MET A 134 1.86 12.36 -17.76
N TYR A 135 3.18 12.41 -17.71
CA TYR A 135 3.95 11.33 -17.10
C TYR A 135 5.00 11.92 -16.16
N GLY A 136 5.51 11.08 -15.27
CA GLY A 136 6.51 11.59 -14.37
C GLY A 136 7.36 10.47 -13.82
N ALA A 137 8.35 10.86 -13.03
CA ALA A 137 9.23 9.89 -12.38
C ALA A 137 9.71 10.51 -11.08
N GLU A 138 10.17 9.66 -10.17
CA GLU A 138 10.84 10.14 -8.97
C GLU A 138 11.94 9.18 -8.58
N VAL A 139 12.91 9.71 -7.85
CA VAL A 139 14.07 8.92 -7.44
C VAL A 139 14.53 9.43 -6.08
N ARG A 140 15.08 8.51 -5.29
CA ARG A 140 15.84 8.85 -4.10
C ARG A 140 17.19 8.16 -4.23
N ALA A 141 18.22 8.74 -3.61
CA ALA A 141 19.53 8.12 -3.64
C ALA A 141 19.43 6.66 -3.21
N GLY A 142 19.98 5.76 -4.04
CA GLY A 142 20.08 4.35 -3.73
C GLY A 142 18.82 3.54 -3.95
N ALA A 143 17.79 4.11 -4.57
CA ALA A 143 16.55 3.41 -4.80
C ALA A 143 16.20 3.43 -6.29
N PRO A 144 15.39 2.49 -6.76
CA PRO A 144 15.02 2.46 -8.18
C PRO A 144 14.11 3.63 -8.55
N ILE A 145 14.24 4.08 -9.80
CA ILE A 145 13.34 5.11 -10.29
C ILE A 145 11.93 4.54 -10.39
N ARG A 146 10.95 5.36 -10.02
CA ARG A 146 9.54 5.00 -10.11
C ARG A 146 8.87 5.94 -11.10
N PHE A 147 8.18 5.37 -12.09
CA PHE A 147 7.49 6.13 -13.12
C PHE A 147 5.99 6.14 -12.86
N LYS A 148 5.32 7.17 -13.38
CA LYS A 148 3.87 7.24 -13.22
C LYS A 148 3.25 7.95 -14.41
N ALA A 149 1.95 7.73 -14.58
CA ALA A 149 1.14 8.35 -15.62
C ALA A 149 -0.08 9.01 -14.98
N TRP A 150 -0.49 10.15 -15.53
CA TRP A 150 -1.75 10.78 -15.18
C TRP A 150 -2.68 10.73 -16.38
N PHE A 151 -3.95 10.41 -16.12
CA PHE A 151 -5.03 10.45 -17.10
C PHE A 151 -6.06 11.49 -16.68
N TYR A 152 -6.74 12.07 -17.66
CA TYR A 152 -7.73 13.12 -17.43
C TYR A 152 -9.13 12.52 -17.40
N LEU A 153 -9.92 12.91 -16.42
CA LEU A 153 -11.27 12.42 -16.28
C LEU A 153 -12.29 13.27 -17.03
N ASN A 154 -11.83 14.22 -17.85
CA ASN A 154 -12.70 15.07 -18.65
C ASN A 154 -12.68 14.72 -20.14
N VAL A 155 -12.03 13.61 -20.52
CA VAL A 155 -11.85 13.32 -21.95
C VAL A 155 -13.17 13.07 -22.66
N THR A 156 -14.23 12.74 -21.92
CA THR A 156 -15.56 12.60 -22.50
C THR A 156 -16.47 13.77 -22.13
N GLY A 157 -15.88 14.88 -21.70
CA GLY A 157 -16.68 16.04 -21.33
C GLY A 157 -16.76 16.22 -19.83
N PRO A 158 -17.30 17.36 -19.39
CA PRO A 158 -17.24 17.67 -17.95
C PRO A 158 -18.09 16.72 -17.10
N ASP A 159 -19.29 16.37 -17.56
CA ASP A 159 -20.21 15.59 -16.76
C ASP A 159 -19.89 14.10 -16.71
N GLY A 160 -18.79 13.68 -17.31
CA GLY A 160 -18.46 12.27 -17.38
C GLY A 160 -17.37 11.79 -16.45
N ALA A 161 -16.93 12.61 -15.49
CA ALA A 161 -15.75 12.24 -14.70
C ALA A 161 -16.01 11.03 -13.81
N PHE A 162 -17.15 11.00 -13.13
CA PHE A 162 -17.45 9.86 -12.26
C PHE A 162 -17.69 8.60 -13.07
N ASN A 163 -18.41 8.72 -14.20
CA ASN A 163 -18.60 7.56 -15.07
C ASN A 163 -17.26 7.03 -15.56
N LEU A 164 -16.39 7.92 -16.02
CA LEU A 164 -15.08 7.51 -16.51
C LEU A 164 -14.26 6.86 -15.41
N LEU A 165 -14.33 7.41 -14.21
CA LEU A 165 -13.56 6.88 -13.10
C LEU A 165 -14.06 5.49 -12.70
N TYR A 166 -15.38 5.33 -12.59
CA TYR A 166 -15.91 4.00 -12.25
C TYR A 166 -15.56 2.98 -13.33
N SER A 167 -15.63 3.40 -14.60
CA SER A 167 -15.29 2.50 -15.68
C SER A 167 -13.82 2.10 -15.60
N ALA A 168 -12.96 3.04 -15.21
CA ALA A 168 -11.54 2.74 -15.10
C ALA A 168 -11.28 1.71 -14.01
N LEU A 169 -11.92 1.87 -12.84
CA LEU A 169 -11.78 0.86 -11.80
C LEU A 169 -12.28 -0.50 -12.26
N GLU A 170 -13.40 -0.51 -12.99
CA GLU A 170 -13.91 -1.79 -13.52
C GLU A 170 -12.90 -2.44 -14.44
N ARG A 171 -12.31 -1.65 -15.35
CA ARG A 171 -11.34 -2.20 -16.29
C ARG A 171 -10.12 -2.76 -15.57
N MET A 172 -9.77 -2.20 -14.42
CA MET A 172 -8.62 -2.67 -13.66
C MET A 172 -8.99 -3.74 -12.65
N GLY A 173 -10.26 -4.11 -12.55
CA GLY A 173 -10.69 -5.12 -11.58
C GLY A 173 -10.64 -4.64 -10.16
N THR A 174 -10.85 -3.33 -9.92
CA THR A 174 -10.79 -2.76 -8.59
C THR A 174 -12.03 -1.92 -8.28
N THR A 175 -13.21 -2.39 -8.69
CA THR A 175 -14.42 -1.67 -8.32
C THR A 175 -14.68 -1.71 -6.82
N HIS A 176 -14.04 -2.66 -6.12
CA HIS A 176 -14.11 -2.69 -4.66
C HIS A 176 -13.51 -1.43 -4.03
N LEU A 177 -12.80 -0.62 -4.81
CA LEU A 177 -12.26 0.63 -4.28
C LEU A 177 -13.24 1.79 -4.41
N TRP A 178 -14.35 1.62 -5.13
CA TRP A 178 -15.26 2.72 -5.38
C TRP A 178 -15.78 3.37 -4.10
N PRO A 179 -16.09 2.64 -3.02
CA PRO A 179 -16.57 3.30 -1.79
C PRO A 179 -15.62 4.36 -1.27
N VAL A 180 -14.31 4.22 -1.50
CA VAL A 180 -13.37 5.29 -1.15
C VAL A 180 -13.75 6.58 -1.88
N VAL A 181 -14.09 6.47 -3.17
CA VAL A 181 -14.46 7.65 -3.94
C VAL A 181 -15.74 8.26 -3.40
N GLN A 182 -16.75 7.42 -3.13
CA GLN A 182 -18.02 7.92 -2.61
C GLN A 182 -17.83 8.63 -1.27
N ALA A 183 -17.00 8.06 -0.39
CA ALA A 183 -16.81 8.66 0.92
C ALA A 183 -16.08 10.00 0.84
N HIS A 184 -15.17 10.17 -0.11
CA HIS A 184 -14.54 11.45 -0.37
C HIS A 184 -15.50 12.46 -0.97
N VAL A 185 -16.73 12.04 -1.25
CA VAL A 185 -17.73 12.90 -1.91
C VAL A 185 -18.50 13.60 -0.80
N HIS A 186 -18.02 14.80 -0.44
CA HIS A 186 -18.77 15.67 0.46
C HIS A 186 -19.48 16.73 -0.35
N ARG A 187 -18.73 17.74 -0.82
CA ARG A 187 -19.31 18.86 -1.56
C ARG A 187 -19.68 18.41 -2.97
N ALA A 188 -20.74 17.62 -3.05
CA ALA A 188 -21.26 17.18 -4.33
C ALA A 188 -21.35 18.35 -5.30
N GLY A 189 -20.77 18.18 -6.50
CA GLY A 189 -20.70 19.26 -7.46
C GLY A 189 -19.50 20.17 -7.27
N GLU A 190 -19.04 20.31 -6.01
CA GLU A 190 -17.88 21.13 -5.71
C GLU A 190 -16.62 20.31 -5.46
N ASP A 191 -16.75 19.08 -4.95
CA ASP A 191 -15.65 18.14 -4.85
C ASP A 191 -15.72 17.20 -6.04
N VAL A 192 -14.78 17.34 -6.95
CA VAL A 192 -14.85 16.70 -8.27
C VAL A 192 -13.54 15.99 -8.56
N PRO A 193 -13.58 14.70 -8.91
CA PRO A 193 -12.36 14.04 -9.39
C PRO A 193 -12.05 14.51 -10.80
N PHE A 194 -10.78 14.83 -11.04
CA PHE A 194 -10.38 15.33 -12.36
C PHE A 194 -9.11 14.71 -12.92
N LEU A 195 -8.29 14.04 -12.12
CA LEU A 195 -7.12 13.31 -12.60
C LEU A 195 -7.08 11.95 -11.95
N LEU A 196 -6.58 10.98 -12.71
CA LEU A 196 -6.25 9.66 -12.18
C LEU A 196 -4.79 9.39 -12.47
N SER A 197 -4.04 8.97 -11.46
CA SER A 197 -2.63 8.62 -11.67
C SER A 197 -2.41 7.14 -11.40
N LEU A 198 -1.47 6.57 -12.13
CA LEU A 198 -1.06 5.17 -12.02
C LEU A 198 0.44 5.14 -11.77
N ASP A 199 0.85 4.50 -10.68
CA ASP A 199 2.25 4.12 -10.55
C ASP A 199 2.53 2.99 -11.54
N LEU A 200 3.54 3.17 -12.39
CA LEU A 200 3.79 2.20 -13.46
C LEU A 200 4.74 1.11 -13.01
N SER A 201 4.45 0.52 -11.86
CA SER A 201 5.20 -0.61 -11.35
C SER A 201 4.23 -1.73 -11.03
N ASP A 202 4.77 -2.94 -11.02
CA ASP A 202 4.05 -4.08 -10.46
C ASP A 202 4.32 -4.25 -8.97
N ASP A 203 5.42 -3.66 -8.47
CA ASP A 203 5.87 -3.84 -7.10
C ASP A 203 4.74 -3.54 -6.13
N PRO A 204 4.84 -4.01 -4.88
CA PRO A 204 3.69 -3.94 -3.96
C PRO A 204 3.28 -2.54 -3.57
N ALA A 205 4.14 -1.54 -3.76
CA ALA A 205 3.84 -0.17 -3.35
C ALA A 205 3.08 0.64 -4.40
N ALA A 206 2.98 0.15 -5.63
CA ALA A 206 2.33 0.92 -6.70
C ALA A 206 0.88 1.19 -6.36
N ARG A 207 0.41 2.40 -6.69
CA ARG A 207 -0.93 2.80 -6.33
C ARG A 207 -1.65 3.45 -7.50
N VAL A 208 -2.99 3.33 -7.47
CA VAL A 208 -3.89 4.16 -8.25
C VAL A 208 -4.38 5.28 -7.34
N LYS A 209 -4.27 6.51 -7.81
CA LYS A 209 -4.66 7.68 -7.02
C LYS A 209 -5.65 8.51 -7.80
N VAL A 210 -6.53 9.19 -7.09
CA VAL A 210 -7.52 10.08 -7.69
C VAL A 210 -7.32 11.47 -7.11
N TYR A 211 -7.22 12.47 -7.98
CA TYR A 211 -7.12 13.87 -7.56
C TYR A 211 -8.50 14.52 -7.58
N PHE A 212 -8.83 15.21 -6.49
CA PHE A 212 -10.09 15.93 -6.37
C PHE A 212 -9.81 17.42 -6.30
N ARG A 213 -10.71 18.21 -6.89
CA ARG A 213 -10.73 19.65 -6.70
C ARG A 213 -11.78 20.02 -5.65
N HIS A 214 -11.41 20.94 -4.76
CA HIS A 214 -12.34 21.51 -3.79
C HIS A 214 -12.60 22.96 -4.22
N PHE A 215 -13.55 23.15 -5.12
CA PHE A 215 -13.88 24.50 -5.58
C PHE A 215 -14.64 25.26 -4.49
N ALA A 216 -14.42 26.57 -4.45
CA ALA A 216 -15.17 27.50 -3.60
C ALA A 216 -15.29 26.98 -2.17
N ALA A 217 -14.16 26.58 -1.60
CA ALA A 217 -14.10 26.06 -0.24
C ALA A 217 -13.30 27.00 0.65
N ASP A 218 -13.69 27.09 1.92
CA ASP A 218 -12.83 27.70 2.92
C ASP A 218 -12.02 26.61 3.62
N VAL A 219 -11.02 27.04 4.40
CA VAL A 219 -10.02 26.10 4.89
C VAL A 219 -10.65 25.06 5.81
N GLU A 220 -11.60 25.49 6.66
CA GLU A 220 -12.26 24.56 7.57
C GLU A 220 -12.96 23.43 6.80
N GLU A 221 -13.63 23.78 5.71
CA GLU A 221 -14.32 22.75 4.92
C GLU A 221 -13.34 21.75 4.33
N VAL A 222 -12.23 22.24 3.77
CA VAL A 222 -11.21 21.32 3.27
C VAL A 222 -10.71 20.44 4.40
N ALA A 223 -10.51 21.01 5.59
CA ALA A 223 -10.03 20.21 6.71
C ALA A 223 -11.05 19.16 7.12
N ALA A 224 -12.32 19.31 6.72
CA ALA A 224 -13.32 18.29 7.02
C ALA A 224 -13.27 17.13 6.03
N VAL A 225 -13.15 17.42 4.73
CA VAL A 225 -12.94 16.34 3.76
C VAL A 225 -11.81 15.44 4.20
N LEU A 226 -10.73 16.04 4.72
CA LEU A 226 -9.52 15.29 5.00
C LEU A 226 -9.50 14.67 6.39
N LYS A 227 -10.30 15.19 7.32
CA LYS A 227 -10.29 14.70 8.71
C LYS A 227 -10.54 13.20 8.77
N ALA A 228 -11.26 12.65 7.79
CA ALA A 228 -11.51 11.21 7.77
C ALA A 228 -10.26 10.41 7.50
N TYR A 229 -9.21 11.03 6.98
CA TYR A 229 -8.00 10.26 6.70
C TYR A 229 -7.03 10.33 7.88
N PRO A 230 -6.42 9.19 8.22
CA PRO A 230 -5.55 9.16 9.40
C PRO A 230 -4.46 10.21 9.30
N GLY A 231 -4.19 10.88 10.43
CA GLY A 231 -3.15 11.87 10.52
C GLY A 231 -3.55 13.29 10.13
N PHE A 232 -4.69 13.47 9.46
CA PHE A 232 -5.11 14.81 9.01
C PHE A 232 -5.82 15.54 10.15
N GLU A 233 -5.02 15.91 11.17
CA GLU A 233 -5.52 16.70 12.28
C GLU A 233 -6.03 18.04 11.77
N PRO A 234 -7.32 18.36 11.94
CA PRO A 234 -7.83 19.61 11.35
C PRO A 234 -7.06 20.85 11.78
N GLY A 235 -6.61 20.90 13.04
CA GLY A 235 -5.86 22.07 13.48
C GLY A 235 -4.55 22.20 12.75
N GLU A 236 -3.84 21.08 12.56
CA GLU A 236 -2.58 21.15 11.84
C GLU A 236 -2.80 21.44 10.37
N VAL A 237 -3.87 20.89 9.78
CA VAL A 237 -4.18 21.16 8.39
C VAL A 237 -4.56 22.62 8.18
N ARG A 238 -5.48 23.15 8.99
CA ARG A 238 -5.85 24.56 8.90
C ARG A 238 -4.63 25.46 9.05
N ALA A 239 -3.73 25.11 9.99
CA ALA A 239 -2.54 25.92 10.21
C ALA A 239 -1.65 25.94 8.99
N PHE A 240 -1.46 24.78 8.35
CA PHE A 240 -0.62 24.70 7.16
C PHE A 240 -1.21 25.57 6.04
N CYS A 241 -2.52 25.44 5.79
CA CYS A 241 -3.17 26.24 4.76
C CYS A 241 -3.05 27.72 5.06
N LYS A 242 -3.36 28.12 6.29
CA LYS A 242 -3.40 29.55 6.59
C LYS A 242 -2.02 30.17 6.48
N VAL A 243 -0.98 29.47 6.92
CA VAL A 243 0.37 30.01 6.80
C VAL A 243 0.77 30.12 5.34
N MET A 244 0.51 29.06 4.57
CA MET A 244 0.94 29.04 3.17
C MET A 244 0.07 29.91 2.28
N MET A 245 -1.08 30.36 2.78
CA MET A 245 -1.93 31.31 2.06
C MET A 245 -1.90 32.71 2.69
N GLY A 246 -0.91 33.00 3.52
CA GLY A 246 -0.75 34.35 4.06
C GLY A 246 -1.88 34.79 4.95
N GLY A 247 -2.52 33.85 5.65
CA GLY A 247 -3.58 34.17 6.58
C GLY A 247 -4.97 34.17 5.98
N ARG A 248 -5.10 33.94 4.68
CA ARG A 248 -6.40 33.79 4.06
C ARG A 248 -7.09 32.54 4.59
N ARG A 249 -8.39 32.65 4.86
CA ARG A 249 -9.17 31.56 5.41
C ARG A 249 -10.01 30.83 4.37
N ARG A 250 -9.97 31.25 3.10
CA ARG A 250 -10.77 30.64 2.05
C ARG A 250 -9.99 30.58 0.75
N PHE A 251 -10.19 29.49 0.00
CA PHE A 251 -9.63 29.34 -1.35
C PHE A 251 -10.54 30.08 -2.34
N SER A 252 -10.33 31.40 -2.43
CA SER A 252 -11.20 32.23 -3.25
C SER A 252 -11.24 31.74 -4.70
N ASP A 253 -10.16 31.91 -5.45
CA ASP A 253 -10.16 31.50 -6.85
C ASP A 253 -9.61 30.08 -7.01
N GLN A 254 -8.30 29.95 -7.00
CA GLN A 254 -7.64 28.67 -7.21
C GLN A 254 -8.02 27.66 -6.13
N PRO A 255 -8.55 26.49 -6.48
CA PRO A 255 -9.09 25.56 -5.48
C PRO A 255 -8.01 24.79 -4.75
N ALA A 256 -8.37 24.30 -3.56
CA ALA A 256 -7.56 23.28 -2.92
C ALA A 256 -7.70 21.97 -3.69
N VAL A 257 -6.64 21.15 -3.68
CA VAL A 257 -6.65 19.87 -4.36
C VAL A 257 -6.20 18.79 -3.38
N THR A 258 -6.88 17.66 -3.40
CA THR A 258 -6.45 16.50 -2.63
C THR A 258 -6.24 15.31 -3.55
N CYS A 259 -5.32 14.46 -3.16
CA CYS A 259 -5.01 13.23 -3.87
C CYS A 259 -5.25 12.08 -2.92
N VAL A 260 -6.08 11.12 -3.33
CA VAL A 260 -6.44 9.99 -2.49
C VAL A 260 -5.88 8.72 -3.13
N SER A 261 -5.02 8.03 -2.39
CA SER A 261 -4.55 6.71 -2.80
C SER A 261 -5.62 5.71 -2.38
N LEU A 262 -6.34 5.17 -3.37
CA LEU A 262 -7.57 4.45 -3.07
C LEU A 262 -7.30 3.24 -2.18
N LEU A 263 -6.33 2.43 -2.54
CA LEU A 263 -6.05 1.23 -1.76
C LEU A 263 -5.61 1.58 -0.35
N ASP A 264 -4.80 2.64 -0.20
CA ASP A 264 -4.29 3.00 1.13
C ASP A 264 -5.39 3.55 2.01
N ALA A 265 -6.39 4.23 1.42
CA ALA A 265 -7.51 4.71 2.21
C ALA A 265 -8.34 3.54 2.75
N GLN A 266 -8.35 2.42 2.04
CA GLN A 266 -9.11 1.24 2.42
C GLN A 266 -8.37 0.35 3.39
N THR A 267 -7.05 0.44 3.45
CA THR A 267 -6.26 -0.33 4.40
C THR A 267 -5.87 0.53 5.58
N PHE A 268 -4.78 0.18 6.25
CA PHE A 268 -4.45 0.82 7.53
C PHE A 268 -2.98 1.23 7.65
N ASP A 269 -2.06 0.49 7.00
CA ASP A 269 -0.64 0.68 7.31
C ASP A 269 0.00 1.88 6.59
N ARG A 270 -0.59 2.36 5.50
CA ARG A 270 -0.04 3.47 4.74
C ARG A 270 -1.03 4.63 4.72
N THR A 271 -0.50 5.85 4.71
CA THR A 271 -1.33 7.04 4.68
C THR A 271 -1.78 7.34 3.25
N ALA A 272 -3.04 7.78 3.13
CA ALA A 272 -3.81 7.63 1.91
C ALA A 272 -4.24 8.93 1.25
N ALA A 273 -3.93 10.08 1.82
CA ALA A 273 -4.35 11.34 1.20
C ALA A 273 -3.22 12.35 1.26
N THR A 274 -3.24 13.26 0.29
CA THR A 274 -2.27 14.35 0.23
C THR A 274 -3.04 15.63 -0.10
N LEU A 275 -2.72 16.71 0.61
CA LEU A 275 -3.34 18.01 0.37
C LEU A 275 -2.37 18.89 -0.43
N TYR A 276 -2.88 19.50 -1.50
CA TYR A 276 -2.09 20.39 -2.35
C TYR A 276 -2.62 21.83 -2.24
N VAL A 277 -1.76 22.76 -1.86
CA VAL A 277 -2.14 24.16 -1.72
C VAL A 277 -1.51 24.93 -2.88
N PRO A 278 -2.30 25.63 -3.69
CA PRO A 278 -1.73 26.42 -4.79
C PRO A 278 -1.10 27.71 -4.27
N LEU A 279 0.01 28.10 -4.90
CA LEU A 279 0.86 29.16 -4.38
C LEU A 279 1.00 30.40 -5.25
N TRP A 280 0.56 30.40 -6.52
CA TRP A 280 0.89 31.50 -7.41
C TRP A 280 -0.20 32.59 -7.47
N THR A 281 -1.34 32.41 -6.81
CA THR A 281 -2.39 33.41 -6.84
C THR A 281 -2.70 34.05 -5.49
N TYR A 282 -2.19 33.51 -4.38
CA TYR A 282 -2.47 34.04 -3.05
C TYR A 282 -1.27 34.74 -2.43
N ALA A 283 -0.40 35.29 -3.27
CA ALA A 283 0.78 36.02 -2.80
C ALA A 283 1.12 37.08 -3.83
N GLU A 284 1.83 38.11 -3.37
CA GLU A 284 2.30 39.17 -4.25
C GLU A 284 3.40 38.69 -5.18
N HIS A 285 4.29 37.83 -4.69
CA HIS A 285 5.42 37.36 -5.47
C HIS A 285 6.01 36.13 -4.81
N ASP A 286 6.98 35.52 -5.50
CA ASP A 286 7.61 34.30 -4.99
C ASP A 286 8.49 34.55 -3.77
N GLY A 287 8.89 35.81 -3.54
CA GLY A 287 9.61 36.12 -2.31
C GLY A 287 8.71 35.96 -1.09
N GLU A 288 7.45 36.38 -1.21
CA GLU A 288 6.51 36.19 -0.13
C GLU A 288 6.21 34.71 0.07
N VAL A 289 6.07 33.96 -1.02
CA VAL A 289 5.87 32.51 -0.89
C VAL A 289 7.05 31.90 -0.15
N ARG A 290 8.28 32.27 -0.54
CA ARG A 290 9.45 31.75 0.15
C ARG A 290 9.41 32.09 1.64
N GLN A 291 9.01 33.31 2.00
CA GLN A 291 8.89 33.65 3.41
C GLN A 291 7.94 32.71 4.14
N ARG A 292 6.84 32.32 3.49
CA ARG A 292 5.88 31.42 4.11
C ARG A 292 6.48 30.03 4.30
N VAL A 293 7.28 29.58 3.33
CA VAL A 293 7.95 28.28 3.49
C VAL A 293 8.92 28.34 4.65
N HIS A 294 9.65 29.44 4.80
CA HIS A 294 10.59 29.54 5.91
C HIS A 294 9.87 29.55 7.26
N ARG A 295 8.70 30.19 7.33
CA ARG A 295 7.91 30.10 8.55
C ARG A 295 7.49 28.65 8.80
N THR A 296 6.98 28.00 7.76
CA THR A 296 6.46 26.65 7.86
C THR A 296 7.54 25.66 8.27
N LEU A 297 8.76 25.83 7.77
CA LEU A 297 9.87 24.92 8.03
C LEU A 297 10.84 25.44 9.08
N ALA A 298 10.40 26.39 9.93
CA ALA A 298 11.30 27.06 10.84
C ALA A 298 12.00 26.09 11.79
N ALA A 299 11.33 25.00 12.16
CA ALA A 299 11.89 24.05 13.10
C ALA A 299 12.96 23.15 12.50
N TRP A 300 13.30 23.31 11.22
CA TRP A 300 14.20 22.41 10.52
C TRP A 300 15.12 23.21 9.61
N PRO A 301 16.13 23.86 10.16
CA PRO A 301 16.97 24.76 9.34
C PRO A 301 17.67 24.04 8.21
N GLU A 302 17.84 22.72 8.30
CA GLU A 302 18.47 21.97 7.21
C GLU A 302 17.50 21.80 6.04
N ALA A 303 16.23 21.49 6.33
CA ALA A 303 15.23 21.44 5.28
C ALA A 303 15.17 22.77 4.53
N LEU A 304 15.35 23.89 5.24
CA LEU A 304 15.27 25.20 4.60
C LEU A 304 16.51 25.47 3.75
N TYR A 305 17.69 25.10 4.22
CA TYR A 305 18.88 25.25 3.38
C TYR A 305 18.73 24.45 2.10
N ARG A 306 18.19 23.23 2.21
CA ARG A 306 17.97 22.42 1.01
C ARG A 306 16.95 23.07 0.09
N TYR A 307 15.82 23.50 0.65
CA TYR A 307 14.79 24.18 -0.13
C TYR A 307 15.36 25.39 -0.87
N ASP A 308 16.12 26.23 -0.15
CA ASP A 308 16.71 27.40 -0.78
C ASP A 308 17.66 27.01 -1.90
N SER A 309 18.41 25.92 -1.71
CA SER A 309 19.37 25.51 -2.73
C SER A 309 18.68 25.03 -3.99
N VAL A 310 17.57 24.28 -3.85
CA VAL A 310 16.83 23.79 -5.00
C VAL A 310 16.16 24.96 -5.72
N LEU A 311 15.52 25.84 -4.94
CA LEU A 311 14.84 27.00 -5.52
C LEU A 311 15.79 27.87 -6.31
N ALA A 312 16.96 28.17 -5.74
CA ALA A 312 17.92 29.02 -6.42
C ALA A 312 18.40 28.41 -7.73
N GLY A 313 18.46 27.08 -7.81
CA GLY A 313 18.87 26.48 -9.07
C GLY A 313 17.80 26.40 -10.12
N ILE A 314 16.55 26.65 -9.75
CA ILE A 314 15.44 26.60 -10.68
C ILE A 314 14.92 27.98 -11.06
N ALA A 315 14.97 28.93 -10.15
CA ALA A 315 14.59 30.31 -10.46
C ALA A 315 15.66 30.94 -11.33
N HIS A 316 15.25 31.77 -12.28
CA HIS A 316 16.23 32.52 -13.05
C HIS A 316 15.88 34.00 -13.11
N ARG A 317 15.15 34.48 -12.11
CA ARG A 317 14.90 35.89 -11.93
C ARG A 317 14.72 36.14 -10.45
N GLY A 318 14.67 37.41 -10.07
CA GLY A 318 14.44 37.73 -8.67
C GLY A 318 13.07 37.29 -8.22
N LEU A 319 13.01 36.72 -7.00
CA LEU A 319 11.74 36.18 -6.52
C LEU A 319 10.69 37.28 -6.35
N ASP A 320 11.10 38.51 -6.04
CA ASP A 320 10.13 39.55 -5.74
C ASP A 320 9.48 40.15 -6.99
N ALA A 321 9.91 39.72 -8.19
CA ALA A 321 9.39 40.31 -9.42
C ALA A 321 7.93 39.91 -9.65
N GLY A 322 7.50 38.79 -9.11
CA GLY A 322 6.12 38.35 -9.27
C GLY A 322 6.03 36.88 -8.88
N THR A 323 4.88 36.29 -9.19
CA THR A 323 4.67 34.86 -8.93
C THR A 323 4.94 34.07 -10.20
N GLY A 324 4.93 32.74 -10.05
CA GLY A 324 5.03 31.84 -11.17
C GLY A 324 6.07 30.75 -11.05
N ILE A 325 6.96 30.85 -10.06
CA ILE A 325 7.94 29.79 -9.80
C ILE A 325 7.36 28.72 -8.89
N HIS A 326 6.82 29.12 -7.72
CA HIS A 326 6.14 28.16 -6.84
C HIS A 326 4.77 27.85 -7.40
N ASN A 327 4.51 26.58 -7.68
CA ASN A 327 3.18 26.15 -8.09
C ASN A 327 2.35 25.62 -6.94
N TYR A 328 2.89 24.66 -6.19
CA TYR A 328 2.16 24.01 -5.11
C TYR A 328 3.10 23.65 -3.98
N ILE A 329 2.53 23.53 -2.78
CA ILE A 329 3.16 22.83 -1.67
C ILE A 329 2.17 21.78 -1.19
N SER A 330 2.64 20.57 -0.95
CA SER A 330 1.76 19.48 -0.52
C SER A 330 2.06 19.07 0.91
N TRP A 331 1.04 18.49 1.55
CA TRP A 331 1.12 18.11 2.96
C TRP A 331 0.52 16.73 3.14
N GLN A 332 1.26 15.85 3.82
CA GLN A 332 0.83 14.50 4.12
C GLN A 332 1.33 14.15 5.52
N PRO A 333 0.52 13.46 6.33
CA PRO A 333 1.01 13.03 7.64
C PRO A 333 2.20 12.09 7.50
N GLY A 334 3.12 12.17 8.47
CA GLY A 334 4.29 11.32 8.49
C GLY A 334 4.37 10.57 9.81
N ARG A 335 5.34 9.65 9.87
CA ARG A 335 5.56 8.85 11.07
C ARG A 335 5.74 9.74 12.30
N THR A 336 6.74 10.62 12.25
CA THR A 336 7.00 11.56 13.33
C THR A 336 6.71 13.00 12.97
N ARG A 337 6.72 13.34 11.68
CA ARG A 337 6.51 14.70 11.22
C ARG A 337 5.82 14.65 9.88
N PRO A 338 5.14 15.71 9.48
CA PRO A 338 4.50 15.73 8.16
C PRO A 338 5.52 15.70 7.04
N ARG A 339 5.13 15.06 5.94
CA ARG A 339 5.90 15.08 4.70
C ARG A 339 5.37 16.19 3.81
N MET A 340 6.22 17.14 3.48
CA MET A 340 5.87 18.25 2.60
C MET A 340 6.75 18.21 1.36
N LYS A 341 6.16 18.51 0.20
CA LYS A 341 6.88 18.67 -1.04
C LYS A 341 6.57 20.03 -1.65
N VAL A 342 7.53 20.58 -2.39
CA VAL A 342 7.31 21.81 -3.12
C VAL A 342 7.46 21.50 -4.60
N TYR A 343 6.58 22.12 -5.40
CA TYR A 343 6.46 21.88 -6.82
C TYR A 343 6.75 23.20 -7.51
N LEU A 344 7.77 23.21 -8.38
CA LEU A 344 8.33 24.43 -8.92
C LEU A 344 8.30 24.43 -10.45
N SER A 345 8.07 25.59 -11.02
CA SER A 345 8.06 25.77 -12.47
C SER A 345 9.35 26.41 -12.97
N PRO A 346 9.83 26.04 -14.16
CA PRO A 346 10.99 26.75 -14.75
C PRO A 346 10.63 28.05 -15.47
N GLU A 347 9.36 28.44 -15.52
CA GLU A 347 8.92 29.65 -16.24
C GLU A 347 9.43 29.66 -17.68
N MET A 348 9.20 28.53 -18.34
CA MET A 348 9.80 28.22 -19.63
C MET A 348 9.51 29.29 -20.68
N HIS A 349 8.29 29.84 -20.65
CA HIS A 349 7.77 30.69 -21.71
C HIS A 349 7.86 32.17 -21.39
N ASP A 350 8.41 32.53 -20.24
CA ASP A 350 8.46 33.93 -19.88
C ASP A 350 9.46 34.66 -20.75
N VAL A 351 9.11 35.88 -21.14
CA VAL A 351 9.99 36.74 -21.91
C VAL A 351 9.87 38.16 -21.36
N THR A 352 10.97 38.90 -21.41
CA THR A 352 10.98 40.28 -20.94
C THR A 352 11.60 41.13 -22.04
N PRO A 353 10.79 41.73 -22.89
CA PRO A 353 11.33 42.54 -23.98
C PRO A 353 11.99 43.80 -23.43
N PRO A 354 12.92 44.39 -24.18
CA PRO A 354 13.43 45.69 -23.79
C PRO A 354 12.32 46.74 -23.89
N PRO A 355 12.41 47.82 -23.10
CA PRO A 355 11.42 48.89 -23.23
C PRO A 355 11.22 49.30 -24.69
N LEU A 356 10.05 49.86 -24.99
CA LEU A 356 9.69 50.17 -26.37
C LEU A 356 10.59 51.25 -26.96
N LEU B 7 17.99 -17.20 -12.13
CA LEU B 7 16.61 -16.76 -12.13
C LEU B 7 15.69 -17.79 -11.47
N THR B 8 15.77 -17.88 -10.15
CA THR B 8 15.01 -18.87 -9.40
C THR B 8 13.51 -18.59 -9.45
N THR B 9 12.73 -19.64 -9.64
CA THR B 9 11.27 -19.51 -9.62
C THR B 9 10.77 -19.30 -8.19
N VAL B 10 9.56 -18.74 -8.08
CA VAL B 10 8.95 -18.58 -6.75
C VAL B 10 8.76 -19.95 -6.09
N ARG B 11 8.23 -20.93 -6.84
CA ARG B 11 7.98 -22.23 -6.23
C ARG B 11 9.26 -22.85 -5.69
N ASP B 12 10.38 -22.70 -6.41
CA ASP B 12 11.65 -23.28 -5.95
C ASP B 12 12.22 -22.49 -4.78
N ALA B 13 12.21 -21.16 -4.88
CA ALA B 13 12.74 -20.34 -3.79
C ALA B 13 12.04 -20.64 -2.48
N CYS B 14 10.70 -20.70 -2.51
CA CYS B 14 9.93 -20.95 -1.28
C CYS B 14 10.13 -22.37 -0.76
N ALA B 15 10.18 -23.36 -1.66
CA ALA B 15 10.42 -24.72 -1.21
C ALA B 15 11.77 -24.86 -0.54
N ARG B 16 12.80 -24.19 -1.08
CA ARG B 16 14.12 -24.24 -0.48
C ARG B 16 14.12 -23.59 0.89
N THR B 17 13.48 -22.42 1.01
CA THR B 17 13.42 -21.76 2.31
C THR B 17 12.68 -22.62 3.32
N LEU B 18 11.55 -23.21 2.90
CA LEU B 18 10.80 -24.07 3.81
C LEU B 18 11.64 -25.25 4.24
N GLU B 19 12.34 -25.89 3.29
CA GLU B 19 13.18 -27.04 3.63
C GLU B 19 14.31 -26.63 4.56
N ASN B 20 14.97 -25.50 4.29
CA ASN B 20 16.01 -25.01 5.18
C ASN B 20 15.47 -24.84 6.59
N THR B 21 14.27 -24.25 6.72
CA THR B 21 13.65 -24.04 8.04
C THR B 21 13.31 -25.35 8.71
N ALA B 22 12.79 -26.32 7.95
CA ALA B 22 12.46 -27.62 8.51
C ALA B 22 13.70 -28.36 9.00
N ARG B 23 14.82 -28.26 8.27
CA ARG B 23 16.05 -28.91 8.75
C ARG B 23 16.59 -28.19 9.98
N THR B 24 16.48 -26.86 10.02
CA THR B 24 16.93 -26.12 11.21
C THR B 24 16.15 -26.54 12.44
N LEU B 25 14.87 -26.87 12.28
CA LEU B 25 14.00 -27.30 13.36
C LEU B 25 13.99 -28.81 13.57
N HIS B 26 14.89 -29.55 12.91
CA HIS B 26 15.07 -30.98 13.17
C HIS B 26 13.77 -31.75 12.96
N LEU B 27 13.03 -31.40 11.90
CA LEU B 27 11.72 -31.99 11.69
C LEU B 27 11.77 -33.41 11.10
N GLY B 28 12.94 -33.87 10.64
CA GLY B 28 13.05 -35.27 10.21
C GLY B 28 12.08 -35.64 9.09
N ALA B 29 11.55 -36.85 9.18
CA ALA B 29 10.68 -37.35 8.12
C ALA B 29 9.42 -36.50 7.97
N SER B 30 8.87 -36.03 9.09
CA SER B 30 7.72 -35.13 8.98
C SER B 30 8.06 -33.88 8.19
N GLY B 31 9.27 -33.36 8.38
CA GLY B 31 9.70 -32.20 7.61
C GLY B 31 9.82 -32.51 6.13
N THR B 32 10.36 -33.68 5.79
CA THR B 32 10.47 -34.06 4.39
C THR B 32 9.10 -34.11 3.72
N GLU B 33 8.14 -34.79 4.35
CA GLU B 33 6.79 -34.87 3.82
C GLU B 33 6.14 -33.49 3.74
N PHE B 34 6.44 -32.63 4.71
CA PHE B 34 5.88 -31.28 4.75
C PHE B 34 6.33 -30.45 3.54
N VAL B 35 7.64 -30.50 3.22
CA VAL B 35 8.17 -29.83 2.05
C VAL B 35 7.54 -30.39 0.78
N ALA B 36 7.39 -31.71 0.71
CA ALA B 36 6.74 -32.31 -0.45
C ALA B 36 5.29 -31.84 -0.58
N ALA B 37 4.57 -31.72 0.55
CA ALA B 37 3.21 -31.20 0.49
C ALA B 37 3.20 -29.76 0.03
N PHE B 38 4.17 -28.95 0.49
CA PHE B 38 4.28 -27.58 0.01
C PHE B 38 4.47 -27.53 -1.50
N ARG B 39 5.38 -28.34 -2.03
CA ARG B 39 5.59 -28.38 -3.47
C ARG B 39 4.30 -28.78 -4.19
N ALA B 40 3.58 -29.76 -3.66
CA ALA B 40 2.35 -30.19 -4.31
C ALA B 40 1.37 -29.03 -4.41
N MET B 41 1.28 -28.22 -3.37
CA MET B 41 0.33 -27.10 -3.35
C MET B 41 0.78 -25.92 -4.20
N THR B 42 2.08 -25.80 -4.48
CA THR B 42 2.60 -24.63 -5.22
C THR B 42 3.16 -24.99 -6.58
N ASP B 43 3.12 -26.26 -6.99
CA ASP B 43 3.52 -26.63 -8.35
C ASP B 43 2.86 -25.72 -9.37
N HIS B 44 1.60 -25.39 -9.14
CA HIS B 44 0.79 -24.63 -10.11
C HIS B 44 1.26 -23.20 -10.29
N TRP B 45 2.13 -22.68 -9.42
CA TRP B 45 2.72 -21.37 -9.70
C TRP B 45 3.61 -21.39 -10.94
N GLY B 46 3.92 -22.57 -11.48
CA GLY B 46 4.64 -22.59 -12.73
C GLY B 46 6.08 -22.11 -12.58
N ALA B 47 6.64 -21.70 -13.71
CA ALA B 47 8.01 -21.17 -13.71
C ALA B 47 8.04 -19.67 -13.42
N ALA B 48 6.98 -19.16 -12.81
CA ALA B 48 6.91 -17.74 -12.48
C ALA B 48 8.06 -17.34 -11.56
N ARG B 49 8.68 -16.21 -11.87
CA ARG B 49 9.55 -15.49 -10.95
C ARG B 49 8.72 -14.57 -10.06
N PRO B 50 9.32 -14.01 -9.01
CA PRO B 50 8.50 -13.23 -8.05
C PRO B 50 7.62 -12.20 -8.70
N HIS B 51 8.12 -11.44 -9.67
CA HIS B 51 7.39 -10.38 -10.34
CA HIS B 51 7.27 -10.40 -10.22
C HIS B 51 6.35 -10.91 -11.32
N ASP B 52 6.35 -12.21 -11.62
CA ASP B 52 5.38 -12.76 -12.56
C ASP B 52 4.04 -13.06 -11.89
N LEU B 53 4.04 -13.38 -10.61
CA LEU B 53 2.82 -13.72 -9.91
C LEU B 53 2.05 -12.46 -9.53
N PRO B 54 0.72 -12.54 -9.44
CA PRO B 54 -0.05 -11.45 -8.85
C PRO B 54 0.42 -11.18 -7.43
N LEU B 55 0.27 -9.94 -6.99
CA LEU B 55 0.48 -9.62 -5.59
C LEU B 55 -0.48 -10.44 -4.74
N SER B 56 0.01 -10.94 -3.62
CA SER B 56 -0.76 -11.85 -2.77
C SER B 56 -1.19 -11.16 -1.48
N ASP B 57 -2.32 -11.62 -0.94
CA ASP B 57 -2.82 -11.17 0.35
C ASP B 57 -2.23 -11.95 1.52
N VAL B 58 -1.41 -12.97 1.24
CA VAL B 58 -0.85 -13.82 2.29
C VAL B 58 0.03 -13.01 3.22
N SER B 59 0.79 -12.08 2.65
CA SER B 59 1.71 -11.23 3.42
C SER B 59 1.49 -9.78 3.04
N PRO B 60 1.62 -8.85 3.99
CA PRO B 60 1.37 -7.42 3.68
C PRO B 60 2.26 -6.87 2.59
N ASP B 61 3.45 -7.44 2.37
CA ASP B 61 4.32 -7.00 1.29
C ASP B 61 4.03 -7.71 -0.03
N GLY B 62 2.92 -8.44 -0.12
CA GLY B 62 2.53 -9.07 -1.36
C GLY B 62 3.12 -10.44 -1.61
N SER B 63 3.96 -10.95 -0.71
CA SER B 63 4.53 -12.28 -0.87
C SER B 63 3.41 -13.32 -0.84
N PRO B 64 3.52 -14.38 -1.66
CA PRO B 64 2.48 -15.40 -1.74
C PRO B 64 2.63 -16.54 -0.73
N VAL B 65 3.60 -16.42 0.18
CA VAL B 65 3.81 -17.40 1.24
CA VAL B 65 3.76 -17.39 1.25
C VAL B 65 4.10 -16.64 2.53
N GLU B 66 3.68 -17.20 3.65
CA GLU B 66 4.04 -16.71 4.97
C GLU B 66 4.41 -17.92 5.81
N TYR B 67 5.55 -17.85 6.50
CA TYR B 67 6.02 -18.91 7.40
C TYR B 67 5.67 -18.56 8.84
N ALA B 68 5.32 -19.56 9.64
CA ALA B 68 5.05 -19.33 11.05
C ALA B 68 5.70 -20.43 11.88
N VAL B 69 6.18 -20.07 13.06
CA VAL B 69 6.79 -21.03 13.95
C VAL B 69 6.46 -20.69 15.41
N ASP B 70 6.19 -21.73 16.19
CA ASP B 70 6.11 -21.59 17.64
C ASP B 70 7.37 -20.95 18.20
N LEU B 71 7.20 -20.00 19.10
CA LEU B 71 8.35 -19.45 19.80
C LEU B 71 8.80 -20.28 21.01
N GLY B 72 7.90 -21.08 21.59
CA GLY B 72 8.23 -21.91 22.73
C GLY B 72 8.04 -23.39 22.43
N GLY B 73 8.26 -24.19 23.47
CA GLY B 73 8.02 -25.62 23.40
C GLY B 73 9.19 -26.42 22.84
N LEU B 74 9.21 -27.70 23.17
CA LEU B 74 10.27 -28.61 22.73
C LEU B 74 10.03 -29.19 21.35
N ALA B 75 8.78 -29.26 20.89
CA ALA B 75 8.45 -29.72 19.53
C ALA B 75 7.59 -28.64 18.88
N PRO B 76 8.22 -27.58 18.39
CA PRO B 76 7.44 -26.47 17.82
C PRO B 76 6.76 -26.86 16.52
N ALA B 77 5.62 -26.24 16.27
CA ALA B 77 4.96 -26.35 14.98
C ALA B 77 5.64 -25.42 13.98
N LEU B 78 5.79 -25.90 12.75
CA LEU B 78 6.13 -25.09 11.60
C LEU B 78 4.90 -25.05 10.70
N GLN B 79 4.56 -23.87 10.20
CA GLN B 79 3.39 -23.67 9.36
C GLN B 79 3.74 -22.82 8.16
N PHE B 80 3.03 -23.04 7.08
CA PHE B 80 3.02 -22.10 5.97
C PHE B 80 1.59 -21.82 5.57
N ALA B 81 1.38 -20.63 5.01
CA ALA B 81 0.15 -20.27 4.32
C ALA B 81 0.54 -19.77 2.94
N MET B 82 -0.29 -20.06 1.94
CA MET B 82 0.01 -19.63 0.58
C MET B 82 -1.28 -19.24 -0.13
N GLU B 83 -1.12 -18.68 -1.34
CA GLU B 83 -2.29 -18.28 -2.12
C GLU B 83 -2.27 -18.97 -3.48
N PRO B 84 -3.34 -19.64 -3.89
CA PRO B 84 -3.41 -20.18 -5.25
C PRO B 84 -3.41 -19.05 -6.28
N LEU B 85 -2.48 -19.11 -7.23
CA LEU B 85 -2.24 -17.98 -8.11
C LEU B 85 -1.67 -18.47 -9.44
N THR B 86 -1.92 -17.71 -10.50
CA THR B 86 -1.32 -17.97 -11.80
C THR B 86 -0.85 -16.64 -12.39
N ALA B 87 0.35 -16.62 -12.95
CA ALA B 87 0.83 -15.42 -13.64
C ALA B 87 -0.18 -14.95 -14.67
N GLY B 88 -0.47 -13.66 -14.65
CA GLY B 88 -1.35 -13.05 -15.64
C GLY B 88 -2.83 -13.24 -15.40
N VAL B 89 -3.22 -13.80 -14.27
CA VAL B 89 -4.60 -14.06 -13.92
C VAL B 89 -4.93 -13.30 -12.65
N PRO B 90 -6.05 -12.57 -12.57
CA PRO B 90 -6.38 -11.89 -11.30
C PRO B 90 -6.44 -12.86 -10.13
N ALA B 91 -5.96 -12.39 -8.97
CA ALA B 91 -5.96 -13.27 -7.79
C ALA B 91 -7.37 -13.71 -7.42
N ARG B 92 -8.39 -12.90 -7.72
CA ARG B 92 -9.75 -13.28 -7.35
C ARG B 92 -10.33 -14.37 -8.23
N ASP B 93 -9.69 -14.68 -9.35
CA ASP B 93 -10.11 -15.83 -10.16
C ASP B 93 -10.07 -17.09 -9.31
N PRO B 94 -11.14 -17.88 -9.27
CA PRO B 94 -11.19 -19.01 -8.34
C PRO B 94 -10.63 -20.32 -8.85
N LEU B 95 -10.11 -20.36 -10.07
CA LEU B 95 -9.76 -21.66 -10.67
C LEU B 95 -8.63 -22.34 -9.90
N ALA B 96 -7.58 -21.59 -9.54
CA ALA B 96 -6.46 -22.21 -8.84
C ALA B 96 -6.88 -22.77 -7.49
N ALA B 97 -7.69 -22.02 -6.72
CA ALA B 97 -8.16 -22.48 -5.42
C ALA B 97 -9.06 -23.70 -5.55
N ARG B 98 -9.88 -23.76 -6.60
CA ARG B 98 -10.74 -24.93 -6.78
C ARG B 98 -9.93 -26.19 -7.06
N ALA B 99 -8.72 -26.04 -7.62
CA ALA B 99 -7.88 -27.20 -7.86
C ALA B 99 -7.20 -27.72 -6.60
N ILE B 100 -6.95 -26.87 -5.61
CA ILE B 100 -6.15 -27.30 -4.46
C ILE B 100 -6.89 -28.35 -3.63
N MET B 101 -8.20 -28.17 -3.39
CA MET B 101 -8.89 -29.10 -2.49
C MET B 101 -8.90 -30.53 -3.02
N PRO B 102 -9.26 -30.79 -4.30
CA PRO B 102 -9.18 -32.17 -4.77
C PRO B 102 -7.78 -32.75 -4.73
N LEU B 103 -6.74 -31.92 -4.91
CA LEU B 103 -5.38 -32.39 -4.78
C LEU B 103 -5.10 -32.88 -3.36
N LEU B 104 -5.45 -32.05 -2.37
CA LEU B 104 -5.20 -32.41 -0.97
C LEU B 104 -6.07 -33.60 -0.53
N ALA B 105 -7.33 -33.62 -0.97
CA ALA B 105 -8.18 -34.76 -0.64
C ALA B 105 -7.64 -36.06 -1.27
N GLY B 106 -7.22 -36.00 -2.54
CA GLY B 106 -6.82 -37.21 -3.22
C GLY B 106 -5.47 -37.74 -2.76
N ARG B 107 -4.51 -36.84 -2.56
CA ARG B 107 -3.14 -37.24 -2.27
C ARG B 107 -2.85 -37.35 -0.79
N TYR B 108 -3.55 -36.58 0.05
CA TYR B 108 -3.26 -36.57 1.49
C TYR B 108 -4.43 -36.99 2.35
N GLY B 109 -5.58 -37.29 1.76
CA GLY B 109 -6.72 -37.65 2.56
C GLY B 109 -7.28 -36.51 3.38
N ALA B 110 -6.98 -35.27 2.99
CA ALA B 110 -7.64 -34.12 3.59
C ALA B 110 -9.13 -34.20 3.38
N ASP B 111 -9.88 -33.72 4.37
CA ASP B 111 -11.33 -33.79 4.31
C ASP B 111 -11.85 -32.62 3.50
N ALA B 112 -12.65 -32.94 2.48
CA ALA B 112 -13.23 -31.92 1.61
C ALA B 112 -14.69 -31.60 1.93
N THR B 113 -15.27 -32.26 2.93
CA THR B 113 -16.71 -32.15 3.17
C THR B 113 -17.12 -30.71 3.44
N ARG B 114 -16.50 -30.07 4.43
CA ARG B 114 -16.86 -28.71 4.77
C ARG B 114 -16.45 -27.74 3.67
N TRP B 115 -15.25 -27.92 3.13
CA TRP B 115 -14.80 -27.04 2.04
C TRP B 115 -15.83 -26.99 0.91
N SER B 116 -16.31 -28.15 0.47
CA SER B 116 -17.27 -28.22 -0.62
C SER B 116 -18.60 -27.58 -0.25
N ALA B 117 -19.00 -27.67 1.02
CA ALA B 117 -20.22 -27.03 1.44
C ALA B 117 -20.12 -25.50 1.38
N LEU B 118 -18.93 -24.94 1.62
CA LEU B 118 -18.75 -23.50 1.61
C LEU B 118 -18.37 -22.94 0.25
N ALA B 119 -17.73 -23.77 -0.60
CA ALA B 119 -17.06 -23.25 -1.78
C ALA B 119 -18.03 -22.59 -2.77
N ASP B 120 -19.26 -23.11 -2.90
CA ASP B 120 -20.15 -22.54 -3.91
C ASP B 120 -20.47 -21.08 -3.61
N ARG B 121 -20.63 -20.71 -2.34
CA ARG B 121 -20.90 -19.33 -1.97
C ARG B 121 -19.65 -18.50 -1.67
N LEU B 122 -18.65 -19.09 -1.01
CA LEU B 122 -17.46 -18.34 -0.62
C LEU B 122 -16.35 -18.35 -1.67
N LEU B 123 -16.40 -19.21 -2.68
CA LEU B 123 -15.41 -19.23 -3.76
C LEU B 123 -16.18 -19.12 -5.07
N PRO B 124 -16.84 -17.99 -5.32
CA PRO B 124 -17.68 -17.84 -6.49
C PRO B 124 -16.86 -17.38 -7.70
N ASP B 125 -17.54 -17.35 -8.84
CA ASP B 125 -16.91 -16.91 -10.09
C ASP B 125 -16.59 -15.42 -10.09
N ASP B 126 -17.37 -14.60 -9.38
CA ASP B 126 -17.23 -13.14 -9.49
C ASP B 126 -17.19 -12.50 -8.11
N ALA B 127 -16.21 -12.90 -7.29
CA ALA B 127 -16.10 -12.37 -5.94
C ALA B 127 -15.85 -10.87 -5.97
N HIS B 128 -16.39 -10.17 -4.98
CA HIS B 128 -16.29 -8.71 -4.97
C HIS B 128 -14.88 -8.24 -4.61
N GLY B 129 -14.24 -8.91 -3.65
CA GLY B 129 -12.94 -8.47 -3.19
C GLY B 129 -11.82 -9.00 -4.08
N PRO B 130 -10.61 -8.50 -3.84
CA PRO B 130 -9.47 -8.85 -4.70
C PRO B 130 -8.88 -10.22 -4.46
N HIS B 131 -9.19 -10.89 -3.34
CA HIS B 131 -8.66 -12.20 -3.04
C HIS B 131 -9.79 -13.10 -2.60
N VAL B 132 -9.65 -14.40 -2.86
CA VAL B 132 -10.71 -15.36 -2.58
C VAL B 132 -10.25 -16.61 -1.82
N SER B 133 -8.95 -16.85 -1.72
CA SER B 133 -8.54 -18.12 -1.11
C SER B 133 -7.12 -18.05 -0.58
N MET B 134 -6.90 -18.73 0.56
CA MET B 134 -5.57 -19.17 0.97
C MET B 134 -5.66 -20.60 1.46
N TYR B 135 -4.53 -21.31 1.42
CA TYR B 135 -4.44 -22.62 2.05
C TYR B 135 -3.14 -22.71 2.83
N GLY B 136 -3.11 -23.62 3.79
CA GLY B 136 -1.91 -23.77 4.60
C GLY B 136 -1.77 -25.17 5.15
N ALA B 137 -0.64 -25.37 5.81
CA ALA B 137 -0.41 -26.64 6.47
C ALA B 137 0.51 -26.41 7.67
N GLU B 138 0.47 -27.36 8.59
CA GLU B 138 1.35 -27.32 9.75
C GLU B 138 1.84 -28.73 10.07
N VAL B 139 2.98 -28.78 10.75
CA VAL B 139 3.59 -30.07 11.11
C VAL B 139 4.47 -29.84 12.33
N ARG B 140 4.67 -30.90 13.09
CA ARG B 140 5.66 -30.95 14.15
C ARG B 140 6.50 -32.21 13.94
N ALA B 141 7.69 -32.23 14.54
CA ALA B 141 8.55 -33.40 14.44
C ALA B 141 7.79 -34.64 14.89
N GLY B 142 7.81 -35.67 14.04
CA GLY B 142 7.19 -36.93 14.36
C GLY B 142 5.69 -36.96 14.27
N ALA B 143 5.05 -35.90 13.79
CA ALA B 143 3.60 -35.79 13.74
C ALA B 143 3.09 -35.71 12.31
N PRO B 144 1.80 -35.99 12.09
CA PRO B 144 1.23 -35.86 10.74
C PRO B 144 1.04 -34.39 10.35
N ILE B 145 0.91 -34.17 9.04
CA ILE B 145 0.63 -32.83 8.54
C ILE B 145 -0.87 -32.58 8.63
N ARG B 146 -1.23 -31.36 9.02
CA ARG B 146 -2.62 -30.93 9.04
C ARG B 146 -2.77 -29.76 8.09
N PHE B 147 -3.80 -29.80 7.25
CA PHE B 147 -4.03 -28.82 6.20
C PHE B 147 -5.21 -27.93 6.58
N LYS B 148 -5.21 -26.72 6.03
CA LYS B 148 -6.30 -25.79 6.34
C LYS B 148 -6.58 -24.88 5.15
N ALA B 149 -7.79 -24.34 5.12
CA ALA B 149 -8.22 -23.43 4.06
C ALA B 149 -8.79 -22.18 4.69
N TRP B 150 -8.57 -21.03 4.03
CA TRP B 150 -9.17 -19.76 4.43
C TRP B 150 -10.12 -19.26 3.34
N PHE B 151 -11.23 -18.67 3.77
CA PHE B 151 -12.22 -18.07 2.88
C PHE B 151 -12.45 -16.63 3.35
N TYR B 152 -12.79 -15.77 2.39
CA TYR B 152 -12.99 -14.34 2.64
C TYR B 152 -14.46 -14.04 2.88
N LEU B 153 -14.74 -13.22 3.86
CA LEU B 153 -16.12 -12.87 4.15
C LEU B 153 -16.57 -11.60 3.43
N ASN B 154 -15.72 -11.03 2.57
CA ASN B 154 -16.07 -9.89 1.73
C ASN B 154 -16.46 -10.28 0.31
N VAL B 155 -16.67 -11.58 0.03
CA VAL B 155 -16.94 -11.97 -1.36
C VAL B 155 -18.25 -11.40 -1.87
N THR B 156 -19.20 -11.07 -0.99
CA THR B 156 -20.45 -10.40 -1.39
C THR B 156 -20.46 -8.93 -0.98
N GLY B 157 -19.29 -8.30 -0.93
CA GLY B 157 -19.23 -6.89 -0.65
C GLY B 157 -19.00 -6.59 0.82
N PRO B 158 -18.80 -5.30 1.13
CA PRO B 158 -18.40 -4.94 2.49
C PRO B 158 -19.49 -5.14 3.53
N ASP B 159 -20.76 -5.22 3.13
CA ASP B 159 -21.86 -5.27 4.08
C ASP B 159 -22.37 -6.67 4.34
N GLY B 160 -21.82 -7.68 3.68
CA GLY B 160 -22.37 -9.01 3.76
C GLY B 160 -21.64 -9.99 4.65
N ALA B 161 -20.66 -9.56 5.42
CA ALA B 161 -19.79 -10.52 6.11
C ALA B 161 -20.57 -11.37 7.11
N PHE B 162 -21.42 -10.72 7.92
CA PHE B 162 -22.19 -11.48 8.91
C PHE B 162 -23.20 -12.40 8.24
N ASN B 163 -23.84 -11.95 7.17
CA ASN B 163 -24.77 -12.81 6.45
C ASN B 163 -24.04 -14.02 5.88
N LEU B 164 -22.87 -13.78 5.26
CA LEU B 164 -22.06 -14.85 4.70
C LEU B 164 -21.61 -15.82 5.77
N LEU B 165 -21.19 -15.29 6.94
CA LEU B 165 -20.68 -16.15 7.99
C LEU B 165 -21.79 -17.05 8.55
N TYR B 166 -22.96 -16.47 8.82
CA TYR B 166 -24.08 -17.28 9.29
C TYR B 166 -24.45 -18.35 8.26
N SER B 167 -24.50 -17.97 6.98
CA SER B 167 -24.82 -18.93 5.93
C SER B 167 -23.81 -20.07 5.91
N ALA B 168 -22.53 -19.76 6.08
CA ALA B 168 -21.50 -20.80 6.12
C ALA B 168 -21.76 -21.78 7.26
N LEU B 169 -22.12 -21.27 8.45
CA LEU B 169 -22.39 -22.18 9.55
C LEU B 169 -23.62 -23.04 9.25
N GLU B 170 -24.63 -22.48 8.61
CA GLU B 170 -25.79 -23.31 8.31
C GLU B 170 -25.44 -24.35 7.26
N ARG B 171 -24.60 -24.00 6.28
CA ARG B 171 -24.21 -24.98 5.27
C ARG B 171 -23.41 -26.12 5.87
N MET B 172 -22.68 -25.87 6.97
CA MET B 172 -21.94 -26.92 7.66
C MET B 172 -22.73 -27.56 8.79
N GLY B 173 -23.98 -27.15 8.98
CA GLY B 173 -24.77 -27.68 10.08
C GLY B 173 -24.25 -27.32 11.46
N THR B 174 -23.62 -26.15 11.61
CA THR B 174 -23.09 -25.74 12.90
C THR B 174 -23.57 -24.34 13.25
N THR B 175 -24.84 -24.05 12.99
CA THR B 175 -25.39 -22.77 13.44
C THR B 175 -25.43 -22.67 14.96
N HIS B 176 -25.32 -23.80 15.67
CA HIS B 176 -25.27 -23.73 17.11
C HIS B 176 -24.05 -22.95 17.61
N LEU B 177 -23.05 -22.74 16.76
CA LEU B 177 -21.89 -21.93 17.10
C LEU B 177 -22.13 -20.42 16.92
N TRP B 178 -23.23 -20.04 16.28
CA TRP B 178 -23.46 -18.61 16.03
C TRP B 178 -23.43 -17.78 17.31
N PRO B 179 -23.92 -18.25 18.44
CA PRO B 179 -23.85 -17.43 19.67
C PRO B 179 -22.43 -17.02 20.06
N VAL B 180 -21.40 -17.77 19.64
CA VAL B 180 -20.03 -17.33 19.89
C VAL B 180 -19.73 -16.03 19.13
N VAL B 181 -20.15 -15.95 17.88
CA VAL B 181 -20.02 -14.70 17.12
C VAL B 181 -20.82 -13.60 17.79
N GLN B 182 -22.05 -13.90 18.21
CA GLN B 182 -22.89 -12.91 18.89
C GLN B 182 -22.23 -12.42 20.16
N ALA B 183 -21.54 -13.31 20.90
CA ALA B 183 -20.91 -12.90 22.15
C ALA B 183 -19.80 -11.89 21.90
N HIS B 184 -19.02 -12.09 20.82
CA HIS B 184 -17.94 -11.16 20.55
C HIS B 184 -18.48 -9.81 20.13
N VAL B 185 -19.49 -9.80 19.25
CA VAL B 185 -20.04 -8.52 18.81
C VAL B 185 -20.76 -7.80 19.93
N HIS B 186 -21.32 -8.54 20.88
CA HIS B 186 -21.97 -7.91 22.02
C HIS B 186 -20.96 -7.10 22.85
N ARG B 187 -19.73 -7.60 22.96
CA ARG B 187 -18.72 -6.86 23.70
CA ARG B 187 -18.69 -6.89 23.69
C ARG B 187 -17.98 -5.85 22.84
N ALA B 188 -18.01 -6.01 21.50
CA ALA B 188 -17.24 -5.20 20.54
C ALA B 188 -18.13 -5.01 19.32
N GLY B 189 -19.06 -4.07 19.43
CA GLY B 189 -20.12 -3.91 18.46
C GLY B 189 -19.67 -3.44 17.09
N GLU B 190 -18.47 -2.87 16.99
CA GLU B 190 -17.91 -2.46 15.71
C GLU B 190 -16.87 -3.43 15.16
N ASP B 191 -16.63 -4.57 15.82
CA ASP B 191 -15.69 -5.55 15.29
C ASP B 191 -16.33 -6.29 14.14
N VAL B 192 -15.53 -6.57 13.11
CA VAL B 192 -16.05 -7.19 11.90
C VAL B 192 -15.30 -8.49 11.60
N PRO B 193 -16.02 -9.58 11.36
CA PRO B 193 -15.34 -10.80 10.89
C PRO B 193 -14.97 -10.64 9.42
N PHE B 194 -13.74 -11.02 9.06
CA PHE B 194 -13.32 -10.82 7.68
C PHE B 194 -12.75 -12.06 7.03
N LEU B 195 -12.41 -13.08 7.81
CA LEU B 195 -11.84 -14.31 7.30
C LEU B 195 -12.40 -15.47 8.10
N LEU B 196 -12.57 -16.62 7.44
CA LEU B 196 -12.97 -17.85 8.09
C LEU B 196 -11.97 -18.92 7.67
N SER B 197 -11.48 -19.70 8.63
CA SER B 197 -10.60 -20.81 8.25
C SER B 197 -11.26 -22.13 8.66
N LEU B 198 -10.93 -23.17 7.89
CA LEU B 198 -11.37 -24.53 8.16
C LEU B 198 -10.15 -25.41 8.28
N ASP B 199 -10.08 -26.19 9.36
CA ASP B 199 -9.15 -27.32 9.39
C ASP B 199 -9.70 -28.42 8.49
N LEU B 200 -8.90 -28.87 7.51
CA LEU B 200 -9.37 -29.86 6.54
C LEU B 200 -9.11 -31.28 7.03
N SER B 201 -9.42 -31.53 8.30
CA SER B 201 -9.19 -32.82 8.94
C SER B 201 -10.52 -33.48 9.24
N ASP B 202 -10.56 -34.80 9.06
CA ASP B 202 -11.74 -35.60 9.35
C ASP B 202 -11.68 -36.06 10.81
N ASP B 203 -11.84 -35.10 11.73
CA ASP B 203 -11.73 -35.57 13.10
C ASP B 203 -12.23 -34.54 14.11
N PRO B 204 -12.32 -34.93 15.38
CA PRO B 204 -12.88 -34.03 16.40
C PRO B 204 -12.04 -32.80 16.62
N ALA B 205 -10.75 -32.84 16.33
CA ALA B 205 -9.91 -31.67 16.55
C ALA B 205 -10.19 -30.55 15.55
N ALA B 206 -10.87 -30.85 14.44
CA ALA B 206 -11.03 -29.88 13.35
C ALA B 206 -11.83 -28.66 13.77
N ARG B 207 -11.29 -27.49 13.50
CA ARG B 207 -11.93 -26.26 13.94
C ARG B 207 -12.38 -25.39 12.77
N VAL B 208 -13.48 -24.68 12.99
CA VAL B 208 -13.84 -23.52 12.19
C VAL B 208 -13.44 -22.30 13.00
N LYS B 209 -12.68 -21.41 12.39
CA LYS B 209 -12.16 -20.24 13.08
C LYS B 209 -12.59 -18.97 12.35
N VAL B 210 -12.89 -17.92 13.11
CA VAL B 210 -13.33 -16.64 12.57
C VAL B 210 -12.35 -15.57 13.01
N TYR B 211 -11.85 -14.79 12.07
CA TYR B 211 -10.95 -13.68 12.40
C TYR B 211 -11.76 -12.40 12.47
N PHE B 212 -11.61 -11.68 13.59
CA PHE B 212 -12.26 -10.39 13.82
C PHE B 212 -11.22 -9.30 13.78
N ARG B 213 -11.52 -8.23 13.08
CA ARG B 213 -10.69 -7.02 13.09
C ARG B 213 -11.19 -6.13 14.23
N HIS B 214 -10.31 -5.81 15.18
CA HIS B 214 -10.70 -4.95 16.29
C HIS B 214 -10.90 -3.51 15.84
N PHE B 215 -12.09 -2.97 16.11
CA PHE B 215 -12.34 -1.56 15.84
C PHE B 215 -11.61 -0.66 16.82
N ALA B 216 -11.46 -1.10 18.07
CA ALA B 216 -10.84 -0.27 19.08
C ALA B 216 -9.36 -0.08 18.79
N ALA B 217 -8.90 1.18 18.84
CA ALA B 217 -7.48 1.43 18.66
C ALA B 217 -6.71 1.29 19.98
N ASP B 218 -7.35 1.59 21.11
CA ASP B 218 -6.65 1.59 22.40
C ASP B 218 -6.33 0.17 22.83
N VAL B 219 -5.06 -0.07 23.18
CA VAL B 219 -4.66 -1.38 23.67
C VAL B 219 -5.48 -1.79 24.88
N GLU B 220 -5.77 -0.83 25.76
CA GLU B 220 -6.58 -1.12 26.94
C GLU B 220 -7.96 -1.62 26.54
N GLU B 221 -8.55 -1.05 25.49
CA GLU B 221 -9.90 -1.46 25.09
C GLU B 221 -9.88 -2.83 24.41
N VAL B 222 -8.86 -3.12 23.60
CA VAL B 222 -8.74 -4.44 23.00
C VAL B 222 -8.67 -5.50 24.09
N ALA B 223 -7.84 -5.26 25.11
CA ALA B 223 -7.71 -6.22 26.19
C ALA B 223 -9.02 -6.36 26.96
N ALA B 224 -9.74 -5.26 27.13
CA ALA B 224 -11.05 -5.35 27.80
C ALA B 224 -12.02 -6.21 26.99
N VAL B 225 -11.99 -6.09 25.66
CA VAL B 225 -12.87 -6.92 24.83
C VAL B 225 -12.50 -8.39 25.00
N LEU B 226 -11.21 -8.69 25.02
CA LEU B 226 -10.75 -10.07 24.97
C LEU B 226 -10.80 -10.77 26.32
N LYS B 227 -11.04 -10.07 27.42
CA LYS B 227 -10.99 -10.72 28.72
C LYS B 227 -12.09 -11.75 28.89
N ALA B 228 -13.10 -11.77 28.01
CA ALA B 228 -14.10 -12.81 28.05
C ALA B 228 -13.56 -14.18 27.62
N TYR B 229 -12.45 -14.20 26.89
CA TYR B 229 -11.91 -15.47 26.43
C TYR B 229 -11.03 -16.11 27.52
N PRO B 230 -11.09 -17.43 27.69
CA PRO B 230 -10.31 -18.07 28.77
C PRO B 230 -8.83 -17.69 28.75
N GLY B 231 -8.35 -17.19 29.88
CA GLY B 231 -6.93 -16.92 30.04
C GLY B 231 -6.44 -15.58 29.51
N PHE B 232 -7.29 -14.77 28.91
CA PHE B 232 -6.90 -13.43 28.41
C PHE B 232 -6.94 -12.42 29.55
N GLU B 233 -6.07 -12.64 30.53
CA GLU B 233 -5.98 -11.72 31.66
C GLU B 233 -5.53 -10.36 31.14
N PRO B 234 -6.30 -9.29 31.36
CA PRO B 234 -6.05 -8.05 30.62
C PRO B 234 -4.72 -7.42 30.96
N GLY B 235 -4.24 -7.54 32.19
CA GLY B 235 -2.94 -6.97 32.52
C GLY B 235 -1.83 -7.58 31.70
N GLU B 236 -1.84 -8.90 31.56
CA GLU B 236 -0.82 -9.58 30.78
C GLU B 236 -0.95 -9.25 29.30
N VAL B 237 -2.19 -9.19 28.79
CA VAL B 237 -2.40 -8.90 27.38
C VAL B 237 -1.97 -7.47 27.05
N ARG B 238 -2.31 -6.51 27.92
CA ARG B 238 -1.89 -5.14 27.67
C ARG B 238 -0.37 -5.04 27.65
N ALA B 239 0.30 -5.66 28.64
CA ALA B 239 1.75 -5.56 28.72
C ALA B 239 2.44 -6.18 27.51
N PHE B 240 1.93 -7.33 27.04
CA PHE B 240 2.49 -7.98 25.85
C PHE B 240 2.37 -7.08 24.62
N CYS B 241 1.17 -6.54 24.39
CA CYS B 241 0.97 -5.64 23.25
C CYS B 241 1.95 -4.48 23.28
N LYS B 242 2.11 -3.87 24.46
CA LYS B 242 2.94 -2.67 24.54
C LYS B 242 4.42 -2.98 24.29
N VAL B 243 4.92 -4.10 24.82
CA VAL B 243 6.29 -4.51 24.52
C VAL B 243 6.47 -4.70 23.02
N MET B 244 5.57 -5.47 22.40
CA MET B 244 5.72 -5.77 20.99
C MET B 244 5.40 -4.59 20.08
N MET B 245 4.80 -3.52 20.63
CA MET B 245 4.56 -2.29 19.89
C MET B 245 5.48 -1.16 20.32
N GLY B 246 6.53 -1.46 21.07
CA GLY B 246 7.49 -0.45 21.48
C GLY B 246 6.91 0.62 22.37
N GLY B 247 5.96 0.27 23.23
CA GLY B 247 5.39 1.19 24.18
C GLY B 247 4.13 1.89 23.72
N ARG B 248 3.76 1.76 22.46
CA ARG B 248 2.56 2.40 21.96
C ARG B 248 1.33 1.95 22.73
N ARG B 249 0.43 2.90 23.00
CA ARG B 249 -0.82 2.64 23.69
C ARG B 249 -1.98 2.37 22.73
N ARG B 250 -1.77 2.56 21.42
CA ARG B 250 -2.85 2.48 20.45
C ARG B 250 -2.38 1.75 19.20
N PHE B 251 -3.28 0.98 18.60
CA PHE B 251 -3.08 0.44 17.27
C PHE B 251 -3.46 1.55 16.32
N SER B 252 -2.50 2.44 16.04
CA SER B 252 -2.83 3.71 15.43
C SER B 252 -3.05 3.62 13.93
N ASP B 253 -2.64 2.51 13.29
CA ASP B 253 -3.00 2.26 11.90
C ASP B 253 -3.41 0.81 11.70
N GLN B 254 -2.44 -0.11 11.63
CA GLN B 254 -2.77 -1.52 11.47
C GLN B 254 -3.49 -2.02 12.73
N PRO B 255 -4.66 -2.61 12.60
CA PRO B 255 -5.44 -3.00 13.78
C PRO B 255 -4.99 -4.31 14.40
N ALA B 256 -5.37 -4.49 15.67
CA ALA B 256 -5.32 -5.80 16.27
C ALA B 256 -6.35 -6.71 15.62
N VAL B 257 -6.01 -7.99 15.54
CA VAL B 257 -6.88 -9.02 14.97
C VAL B 257 -6.92 -10.19 15.95
N THR B 258 -8.11 -10.75 16.18
CA THR B 258 -8.24 -11.93 17.02
C THR B 258 -8.88 -13.06 16.23
N CYS B 259 -8.31 -14.25 16.35
CA CYS B 259 -8.83 -15.43 15.67
C CYS B 259 -9.55 -16.28 16.71
N VAL B 260 -10.86 -16.48 16.52
CA VAL B 260 -11.71 -17.15 17.50
C VAL B 260 -12.02 -18.54 16.97
N SER B 261 -11.67 -19.57 17.75
CA SER B 261 -12.04 -20.94 17.43
C SER B 261 -13.42 -21.19 18.04
N LEU B 262 -14.44 -21.25 17.19
CA LEU B 262 -15.80 -21.15 17.69
C LEU B 262 -16.11 -22.26 18.69
N LEU B 263 -15.73 -23.50 18.38
CA LEU B 263 -16.06 -24.61 19.28
C LEU B 263 -15.29 -24.51 20.60
N ASP B 264 -14.03 -24.06 20.54
CA ASP B 264 -13.26 -23.93 21.78
C ASP B 264 -13.75 -22.77 22.64
N ALA B 265 -14.26 -21.69 22.04
CA ALA B 265 -14.96 -20.67 22.84
C ALA B 265 -16.20 -21.24 23.50
N GLN B 266 -16.97 -22.04 22.77
CA GLN B 266 -18.17 -22.65 23.33
C GLN B 266 -17.87 -23.52 24.53
N THR B 267 -16.72 -24.18 24.55
CA THR B 267 -16.36 -25.08 25.65
C THR B 267 -15.45 -24.41 26.67
N PHE B 268 -15.19 -23.11 26.52
CA PHE B 268 -14.39 -22.35 27.49
C PHE B 268 -13.01 -22.96 27.67
N ASP B 269 -12.39 -23.31 26.55
CA ASP B 269 -11.02 -23.79 26.48
C ASP B 269 -10.09 -22.63 26.18
N ARG B 270 -8.85 -22.73 26.68
CA ARG B 270 -7.85 -21.69 26.41
C ARG B 270 -7.55 -21.51 24.93
N THR B 271 -7.89 -22.48 24.10
CA THR B 271 -7.66 -22.32 22.66
C THR B 271 -8.77 -21.52 21.99
N ALA B 272 -9.68 -20.94 22.78
CA ALA B 272 -10.81 -20.20 22.21
C ALA B 272 -10.36 -19.04 21.32
N ALA B 273 -9.32 -18.33 21.72
CA ALA B 273 -8.94 -17.12 20.98
C ALA B 273 -7.43 -17.00 20.88
N THR B 274 -6.99 -16.33 19.83
CA THR B 274 -5.58 -16.03 19.57
C THR B 274 -5.50 -14.57 19.12
N LEU B 275 -4.68 -13.77 19.80
CA LEU B 275 -4.50 -12.37 19.46
C LEU B 275 -3.31 -12.21 18.52
N TYR B 276 -3.50 -11.42 17.46
CA TYR B 276 -2.48 -11.12 16.45
C TYR B 276 -2.09 -9.65 16.54
N VAL B 277 -0.81 -9.39 16.80
CA VAL B 277 -0.27 -8.04 16.88
C VAL B 277 0.57 -7.81 15.63
N PRO B 278 0.23 -6.85 14.78
CA PRO B 278 1.04 -6.60 13.58
C PRO B 278 2.36 -5.94 13.95
N LEU B 279 3.40 -6.27 13.17
CA LEU B 279 4.76 -5.91 13.53
C LEU B 279 5.48 -5.00 12.53
N TRP B 280 4.92 -4.74 11.34
CA TRP B 280 5.69 -4.04 10.31
C TRP B 280 5.43 -2.52 10.25
N THR B 281 4.53 -1.98 11.07
CA THR B 281 4.25 -0.54 11.05
C THR B 281 4.61 0.19 12.34
N TYR B 282 4.84 -0.52 13.45
CA TYR B 282 5.08 0.09 14.76
C TYR B 282 6.54 -0.05 15.18
N ALA B 283 7.45 -0.09 14.21
CA ALA B 283 8.88 -0.18 14.48
C ALA B 283 9.62 0.45 13.30
N GLU B 284 10.86 0.87 13.56
CA GLU B 284 11.67 1.44 12.48
C GLU B 284 12.15 0.35 11.52
N HIS B 285 12.44 -0.84 12.04
CA HIS B 285 12.98 -1.90 11.19
C HIS B 285 12.87 -3.23 11.91
N ASP B 286 13.20 -4.29 11.19
CA ASP B 286 13.09 -5.65 11.73
C ASP B 286 14.14 -5.95 12.80
N GLY B 287 15.22 -5.18 12.84
CA GLY B 287 16.15 -5.29 13.95
C GLY B 287 15.51 -4.86 15.27
N GLU B 288 14.70 -3.79 15.22
CA GLU B 288 14.00 -3.35 16.42
C GLU B 288 12.93 -4.36 16.83
N VAL B 289 12.26 -4.97 15.85
CA VAL B 289 11.27 -5.99 16.18
C VAL B 289 11.93 -7.19 16.84
N ARG B 290 13.08 -7.60 16.32
CA ARG B 290 13.82 -8.71 16.92
C ARG B 290 14.17 -8.42 18.38
N GLN B 291 14.64 -7.20 18.67
CA GLN B 291 14.94 -6.86 20.06
C GLN B 291 13.71 -7.02 20.94
N ARG B 292 12.52 -6.72 20.40
CA ARG B 292 11.30 -6.85 21.19
C ARG B 292 11.00 -8.32 21.47
N VAL B 293 11.24 -9.20 20.49
CA VAL B 293 11.07 -10.63 20.73
C VAL B 293 12.05 -11.08 21.82
N HIS B 294 13.29 -10.59 21.75
CA HIS B 294 14.28 -11.03 22.72
C HIS B 294 13.92 -10.57 24.12
N ARG B 295 13.38 -9.36 24.26
CA ARG B 295 12.90 -8.93 25.57
C ARG B 295 11.73 -9.78 26.03
N THR B 296 10.82 -10.13 25.11
CA THR B 296 9.66 -10.92 25.49
C THR B 296 10.06 -12.29 25.97
N LEU B 297 11.03 -12.92 25.31
CA LEU B 297 11.46 -14.28 25.59
C LEU B 297 12.75 -14.34 26.40
N ALA B 298 13.14 -13.25 27.07
CA ALA B 298 14.44 -13.19 27.73
C ALA B 298 14.65 -14.36 28.70
N ALA B 299 13.58 -14.87 29.31
CA ALA B 299 13.72 -15.94 30.28
C ALA B 299 14.15 -17.27 29.66
N TRP B 300 14.07 -17.42 28.34
CA TRP B 300 14.31 -18.70 27.66
C TRP B 300 15.35 -18.54 26.56
N PRO B 301 16.63 -18.56 26.93
CA PRO B 301 17.68 -18.38 25.90
C PRO B 301 17.57 -19.37 24.77
N GLU B 302 17.26 -20.63 25.08
CA GLU B 302 17.17 -21.64 24.04
C GLU B 302 16.09 -21.30 23.02
N ALA B 303 15.01 -20.67 23.46
CA ALA B 303 13.99 -20.22 22.50
C ALA B 303 14.51 -19.08 21.63
N LEU B 304 15.30 -18.17 22.21
CA LEU B 304 15.87 -17.09 21.43
C LEU B 304 16.84 -17.62 20.39
N TYR B 305 17.68 -18.58 20.76
CA TYR B 305 18.57 -19.18 19.77
C TYR B 305 17.80 -19.79 18.61
N ARG B 306 16.72 -20.51 18.90
CA ARG B 306 15.96 -21.16 17.84
C ARG B 306 15.26 -20.14 16.96
N TYR B 307 14.63 -19.14 17.57
CA TYR B 307 13.98 -18.07 16.80
C TYR B 307 14.99 -17.35 15.91
N ASP B 308 16.17 -17.02 16.48
CA ASP B 308 17.18 -16.34 15.68
C ASP B 308 17.60 -17.18 14.47
N SER B 309 17.72 -18.49 14.66
CA SER B 309 18.13 -19.35 13.55
C SER B 309 17.04 -19.46 12.50
N VAL B 310 15.78 -19.56 12.93
CA VAL B 310 14.68 -19.58 11.97
C VAL B 310 14.63 -18.26 11.21
N LEU B 311 14.76 -17.14 11.94
CA LEU B 311 14.71 -15.83 11.32
C LEU B 311 15.83 -15.66 10.32
N ALA B 312 17.04 -16.09 10.68
CA ALA B 312 18.20 -15.91 9.80
C ALA B 312 18.03 -16.66 8.50
N GLY B 313 17.34 -17.80 8.53
CA GLY B 313 17.16 -18.58 7.31
C GLY B 313 16.08 -18.04 6.38
N ILE B 314 15.22 -17.15 6.88
CA ILE B 314 14.12 -16.60 6.10
C ILE B 314 14.48 -15.19 5.62
N ALA B 315 15.21 -14.44 6.44
CA ALA B 315 15.66 -13.11 6.04
C ALA B 315 16.71 -13.21 4.94
N HIS B 316 16.67 -12.27 3.99
CA HIS B 316 17.74 -12.22 2.99
C HIS B 316 18.31 -10.81 2.86
N ARG B 317 18.15 -10.00 3.89
CA ARG B 317 18.81 -8.69 3.96
C ARG B 317 19.02 -8.36 5.43
N GLY B 318 19.82 -7.33 5.68
CA GLY B 318 20.04 -6.90 7.05
C GLY B 318 18.73 -6.51 7.71
N LEU B 319 18.57 -6.92 8.97
CA LEU B 319 17.31 -6.64 9.64
C LEU B 319 17.10 -5.14 9.84
N ASP B 320 18.18 -4.38 9.99
CA ASP B 320 18.08 -2.95 10.26
C ASP B 320 17.73 -2.13 9.03
N ALA B 321 17.61 -2.76 7.85
CA ALA B 321 17.33 -2.01 6.63
C ALA B 321 15.91 -1.45 6.59
N GLY B 322 14.99 -2.05 7.34
CA GLY B 322 13.60 -1.65 7.28
C GLY B 322 12.74 -2.79 7.80
N THR B 323 11.43 -2.55 7.77
CA THR B 323 10.49 -3.58 8.18
C THR B 323 10.02 -4.36 6.95
N GLY B 324 9.33 -5.47 7.21
CA GLY B 324 8.76 -6.27 6.14
C GLY B 324 8.98 -7.75 6.28
N ILE B 325 9.90 -8.16 7.15
CA ILE B 325 10.09 -9.59 7.43
C ILE B 325 9.14 -10.09 8.50
N HIS B 326 9.09 -9.44 9.65
CA HIS B 326 8.12 -9.80 10.68
C HIS B 326 6.75 -9.25 10.29
N ASN B 327 5.76 -10.13 10.14
CA ASN B 327 4.40 -9.69 9.90
C ASN B 327 3.60 -9.60 11.21
N TYR B 328 3.53 -10.71 11.94
CA TYR B 328 2.72 -10.77 13.14
C TYR B 328 3.44 -11.55 14.22
N ILE B 329 3.08 -11.27 15.46
CA ILE B 329 3.28 -12.19 16.56
C ILE B 329 1.90 -12.50 17.13
N SER B 330 1.64 -13.76 17.44
CA SER B 330 0.36 -14.16 18.00
C SER B 330 0.54 -14.63 19.44
N TRP B 331 -0.53 -14.51 20.21
CA TRP B 331 -0.52 -14.74 21.65
C TRP B 331 -1.76 -15.52 22.03
N GLN B 332 -1.59 -16.64 22.71
CA GLN B 332 -2.71 -17.43 23.17
C GLN B 332 -2.41 -17.95 24.58
N PRO B 333 -3.35 -17.89 25.50
CA PRO B 333 -3.07 -18.34 26.87
C PRO B 333 -2.71 -19.82 26.89
N GLY B 334 -1.80 -20.18 27.80
CA GLY B 334 -1.46 -21.57 27.99
C GLY B 334 -1.57 -21.96 29.45
N ARG B 335 -1.38 -23.25 29.71
CA ARG B 335 -1.49 -23.77 31.07
C ARG B 335 -0.47 -23.12 31.99
N THR B 336 0.78 -23.07 31.55
CA THR B 336 1.90 -22.51 32.30
C THR B 336 2.38 -21.17 31.76
N ARG B 337 2.43 -21.03 30.44
CA ARG B 337 2.92 -19.82 29.79
C ARG B 337 2.13 -19.65 28.51
N PRO B 338 2.08 -18.43 27.96
CA PRO B 338 1.37 -18.23 26.69
C PRO B 338 2.05 -18.95 25.55
N ARG B 339 1.25 -19.34 24.57
CA ARG B 339 1.76 -19.88 23.31
C ARG B 339 1.87 -18.72 22.34
N MET B 340 3.09 -18.42 21.92
CA MET B 340 3.34 -17.37 20.95
C MET B 340 3.90 -17.98 19.67
N LYS B 341 3.50 -17.42 18.54
CA LYS B 341 4.05 -17.76 17.24
C LYS B 341 4.50 -16.47 16.54
N VAL B 342 5.53 -16.59 15.72
CA VAL B 342 5.92 -15.48 14.84
C VAL B 342 5.59 -15.84 13.40
N TYR B 343 5.19 -14.85 12.62
CA TYR B 343 4.73 -15.04 11.24
C TYR B 343 5.62 -14.16 10.37
N LEU B 344 6.30 -14.80 9.40
CA LEU B 344 7.43 -14.17 8.72
C LEU B 344 7.24 -14.20 7.22
N SER B 345 7.62 -13.11 6.56
CA SER B 345 7.58 -12.98 5.10
C SER B 345 8.95 -13.28 4.49
N PRO B 346 8.95 -13.96 3.34
CA PRO B 346 10.18 -14.10 2.55
C PRO B 346 10.56 -12.85 1.77
N GLU B 347 9.75 -11.80 1.81
CA GLU B 347 10.01 -10.57 1.06
C GLU B 347 10.28 -10.89 -0.42
N MET B 348 9.31 -11.60 -1.02
CA MET B 348 9.48 -12.16 -2.37
C MET B 348 9.79 -11.07 -3.39
N HIS B 349 9.21 -9.89 -3.25
CA HIS B 349 9.34 -8.87 -4.27
C HIS B 349 10.48 -7.90 -4.02
N ASP B 350 11.29 -8.11 -2.98
CA ASP B 350 12.34 -7.15 -2.65
C ASP B 350 13.64 -7.81 -2.22
C1 B3P C . 0.76 19.63 -8.18
C2 B3P C . -0.76 19.34 -8.30
C3 B3P C . 1.56 18.62 -9.03
N1 B3P C . 0.96 18.60 -10.37
C4 B3P C . 1.52 17.63 -11.32
C5 B3P C . 1.57 18.36 -12.65
C6 B3P C . 2.89 17.13 -10.92
C7 B3P C . 0.56 16.45 -11.51
N2 B3P C . -1.25 19.89 -9.56
C8 B3P C . -2.67 19.65 -9.82
C9 B3P C . -3.19 18.35 -9.18
C10 B3P C . -2.88 19.59 -11.33
C11 B3P C . -3.49 20.82 -9.29
O1 B3P C . -2.36 17.29 -9.59
O2 B3P C . -2.57 20.82 -11.91
O3 B3P C . -4.79 20.76 -9.82
O4 B3P C . 2.74 19.10 -12.73
O5 B3P C . 2.76 16.24 -9.83
O6 B3P C . -0.74 16.92 -11.71
H11 B3P C . 1.02 19.55 -7.25
H12 B3P C . 0.94 20.53 -8.49
H21 B3P C . -1.23 19.75 -7.57
H22 B3P C . -0.92 18.38 -8.29
H31 B3P C . 1.50 17.74 -8.63
H32 B3P C . 2.48 18.90 -9.08
HN1 B3P C . 1.11 19.41 -10.72
H51 B3P C . 0.81 18.95 -12.72
H52 B3P C . 1.55 17.72 -13.37
H61 B3P C . 3.31 16.67 -11.66
H62 B3P C . 3.45 17.88 -10.65
H71 B3P C . 0.58 15.88 -10.73
H72 B3P C . 0.84 15.92 -12.28
HN2 B3P C . -1.15 20.78 -9.52
H91 B3P C . -4.10 18.19 -9.46
H92 B3P C . -3.16 18.43 -8.21
H101 B3P C . -2.31 18.89 -11.70
H102 B3P C . -3.80 19.36 -11.51
H111 B3P C . -3.53 20.78 -8.32
H112 B3P C . -3.07 21.65 -9.56
HO1 B3P C . -2.35 16.69 -8.99
HO2 B3P C . -3.12 20.98 -12.53
HO3 B3P C . -4.91 21.41 -10.35
HO4 B3P C . 3.39 18.59 -12.92
HO5 B3P C . 3.14 15.50 -10.01
HO6 B3P C . -0.77 17.38 -12.42
C TRS D . 7.24 37.18 -14.30
C1 TRS D . 5.82 37.73 -14.68
C2 TRS D . 7.39 37.49 -12.79
C3 TRS D . 8.23 38.14 -15.03
N TRS D . 7.57 35.62 -14.75
O1 TRS D . 5.61 39.07 -14.29
O2 TRS D . 6.15 37.14 -12.17
O3 TRS D . 7.90 38.28 -16.40
H11 TRS D . 5.06 37.10 -14.19
H12 TRS D . 5.68 37.64 -15.75
H21 TRS D . 8.21 36.92 -12.36
H22 TRS D . 7.60 38.55 -12.63
H31 TRS D . 9.25 37.76 -14.93
H32 TRS D . 8.21 39.12 -14.54
HN1 TRS D . 7.32 35.28 -15.69
HN2 TRS D . 8.53 35.29 -14.78
HN3 TRS D . 7.19 34.84 -14.23
HO1 TRS D . 4.70 39.35 -14.54
HO2 TRS D . 6.31 36.96 -11.23
HO3 TRS D . 7.48 37.46 -16.71
C1 B3P E . -1.20 -13.73 10.30
C2 B3P E . -2.48 -12.88 10.48
C3 B3P E . -1.56 -15.07 9.64
N1 B3P E . -1.71 -14.85 8.21
C4 B3P E . -2.15 -16.01 7.42
C5 B3P E . -1.54 -17.32 7.90
C6 B3P E . -3.67 -16.06 7.44
C7 B3P E . -1.74 -15.74 5.95
N2 B3P E . -2.93 -12.46 9.17
C8 B3P E . -4.25 -11.84 9.15
C9 B3P E . -5.31 -12.69 9.87
C10 B3P E . -4.70 -11.70 7.69
C11 B3P E . -4.14 -10.46 9.78
O1 B3P E . -5.22 -14.02 9.43
O2 B3P E . -3.81 -10.90 6.96
O3 B3P E . -5.34 -9.76 9.54
O4 B3P E . -0.15 -17.26 7.78
O5 B3P E . -4.15 -16.35 8.72
O6 B3P E . -2.09 -14.43 5.66
H11 B3P E . -0.80 -13.90 11.18
H12 B3P E . -0.57 -13.25 9.75
H21 B3P E . -2.29 -12.10 11.03
H22 B3P E . -3.17 -13.41 10.91
H31 B3P E . -2.40 -15.41 10.01
H32 B3P E . -0.86 -15.72 9.79
HN1 B3P E . -2.34 -14.22 8.11
H51 B3P E . -1.88 -18.05 7.36
H52 B3P E . -1.79 -17.46 8.83
H61 B3P E . -4.03 -15.20 7.15
H62 B3P E . -3.97 -16.75 6.82
H71 B3P E . -2.21 -16.36 5.36
H72 B3P E . -0.78 -15.86 5.86
HN2 B3P E . -2.35 -11.85 8.87
H91 B3P E . -6.19 -12.34 9.66
H92 B3P E . -5.16 -12.65 10.82
H101 B3P E . -4.75 -12.58 7.29
H102 B3P E . -5.58 -11.29 7.68
H111 B3P E . -4.02 -10.56 10.75
H112 B3P E . -3.40 -9.97 9.41
HO1 B3P E . -4.80 -14.48 10.00
HO2 B3P E . -4.05 -10.88 6.15
HO3 B3P E . -5.82 -9.76 10.25
HO4 B3P E . 0.21 -17.54 8.50
HO5 B3P E . -4.47 -17.14 8.73
HO6 B3P E . -1.38 -13.96 5.54
#